data_9BY5
#
_entry.id   9BY5
#
_cell.length_a   113.910
_cell.length_b   118.642
_cell.length_c   121.088
_cell.angle_alpha   90.000
_cell.angle_beta   90.000
_cell.angle_gamma   90.000
#
_symmetry.space_group_name_H-M   'I 2 2 2'
#
loop_
_entity.id
_entity.type
_entity.pdbx_description
1 polymer 'Response regulator receiver protein'
2 non-polymer 'MAGNESIUM ION'
3 non-polymer 'SODIUM ION'
4 non-polymer 2-AMINO-2-HYDROXYMETHYL-PROPANE-1,3-DIOL
5 water water
#
_entity_poly.entity_id   1
_entity_poly.type   'polypeptide(L)'
_entity_poly.pdbx_seq_one_letter_code
;EFMSTTDAPDLSAQIAAELPYLRRYARALTGSQSSGDAYALATLEAILDEPALFETGTTPRVALFTVFHTIWNSSGSPVS
DGETGLARAAQRHLARLTPNTREALLLSTIEDFTPEEVATIMRSDVDEVRHLINRARSEMEDSVSGRVMIIEDEAIIALD
LQTIVADMGHAITGVARTRDAAVALAGIEKPDLILADIQLADRSSGIDAVNEILRARGDIPVIFITAFPERLLTGERPEP
AFLISKPYREDQVRSAISQAMFFASTEPLKA
;
_entity_poly.pdbx_strand_id   A,B,C
#
# COMPACT_ATOMS: atom_id res chain seq x y z
N ASP A 10 -15.99 -38.55 -8.69
CA ASP A 10 -16.02 -37.91 -10.04
C ASP A 10 -15.54 -36.46 -9.91
N LEU A 11 -14.61 -36.02 -10.77
CA LEU A 11 -14.00 -34.67 -10.65
C LEU A 11 -14.99 -33.56 -11.01
N SER A 12 -15.88 -33.80 -11.96
CA SER A 12 -16.89 -32.79 -12.30
C SER A 12 -17.73 -32.51 -11.04
N ALA A 13 -18.14 -33.54 -10.33
CA ALA A 13 -19.00 -33.40 -9.15
C ALA A 13 -18.24 -32.81 -7.99
N GLN A 14 -16.94 -33.09 -7.91
CA GLN A 14 -16.14 -32.54 -6.83
C GLN A 14 -15.93 -31.04 -7.01
N ILE A 15 -15.66 -30.62 -8.26
CA ILE A 15 -15.54 -29.18 -8.56
C ILE A 15 -16.86 -28.47 -8.30
N ALA A 16 -17.97 -29.03 -8.78
CA ALA A 16 -19.27 -28.41 -8.57
C ALA A 16 -19.56 -28.20 -7.09
N ALA A 17 -19.17 -29.16 -6.22
CA ALA A 17 -19.38 -29.01 -4.78
C ALA A 17 -18.55 -27.89 -4.16
N GLU A 18 -17.45 -27.49 -4.80
CA GLU A 18 -16.62 -26.45 -4.20
C GLU A 18 -16.94 -25.06 -4.71
N LEU A 19 -17.68 -24.95 -5.80
CA LEU A 19 -17.99 -23.62 -6.34
C LEU A 19 -18.61 -22.68 -5.30
N PRO A 20 -19.49 -23.12 -4.41
CA PRO A 20 -20.08 -22.16 -3.45
C PRO A 20 -19.05 -21.48 -2.58
N TYR A 21 -18.02 -22.21 -2.15
CA TYR A 21 -16.98 -21.65 -1.30
C TYR A 21 -16.10 -20.67 -2.08
N LEU A 22 -15.85 -20.98 -3.35
CA LEU A 22 -15.15 -20.02 -4.21
C LEU A 22 -15.95 -18.72 -4.30
N ARG A 23 -17.27 -18.82 -4.45
CA ARG A 23 -18.10 -17.61 -4.42
C ARG A 23 -17.95 -16.88 -3.09
N ARG A 24 -17.96 -17.62 -1.99
CA ARG A 24 -17.80 -17.00 -0.68
C ARG A 24 -16.51 -16.20 -0.62
N TYR A 25 -15.40 -16.80 -1.07
CA TYR A 25 -14.09 -16.14 -1.03
C TYR A 25 -14.06 -14.91 -1.94
N ALA A 26 -14.45 -15.07 -3.21
CA ALA A 26 -14.43 -13.94 -4.16
C ALA A 26 -15.38 -12.83 -3.75
N ARG A 27 -16.54 -13.17 -3.18
CA ARG A 27 -17.44 -12.12 -2.71
C ARG A 27 -16.82 -11.33 -1.56
N ALA A 28 -16.07 -11.98 -0.68
CA ALA A 28 -15.44 -11.32 0.48
C ALA A 28 -14.32 -10.40 -0.01
N LEU A 29 -13.53 -10.84 -0.97
CA LEU A 29 -12.42 -10.04 -1.53
C LEU A 29 -12.96 -8.77 -2.18
N THR A 30 -14.08 -8.87 -2.91
CA THR A 30 -14.65 -7.76 -3.69
C THR A 30 -15.70 -7.01 -2.92
N GLY A 31 -16.21 -7.53 -1.80
CA GLY A 31 -17.34 -6.87 -1.15
C GLY A 31 -18.67 -6.95 -1.90
N SER A 32 -18.75 -7.76 -2.95
CA SER A 32 -19.96 -7.76 -3.83
C SER A 32 -20.38 -9.18 -4.21
N GLN A 33 -21.67 -9.44 -4.30
CA GLN A 33 -22.17 -10.74 -4.79
C GLN A 33 -21.95 -10.75 -6.30
N SER A 34 -22.26 -9.65 -6.97
CA SER A 34 -22.17 -9.58 -8.45
C SER A 34 -20.71 -9.80 -8.88
N SER A 35 -19.75 -9.10 -8.29
CA SER A 35 -18.35 -9.32 -8.64
C SER A 35 -17.86 -10.70 -8.22
N GLY A 36 -18.13 -11.09 -6.96
CA GLY A 36 -17.69 -12.40 -6.51
C GLY A 36 -18.21 -13.51 -7.39
N ASP A 37 -19.49 -13.50 -7.71
CA ASP A 37 -20.10 -14.59 -8.50
C ASP A 37 -19.53 -14.58 -9.91
N ALA A 38 -19.15 -13.41 -10.40
CA ALA A 38 -18.60 -13.29 -11.75
C ALA A 38 -17.19 -13.87 -11.80
N TYR A 39 -16.41 -13.68 -10.74
CA TYR A 39 -15.01 -14.16 -10.69
C TYR A 39 -15.03 -15.66 -10.56
N ALA A 40 -15.96 -16.19 -9.77
CA ALA A 40 -16.10 -17.64 -9.56
C ALA A 40 -16.50 -18.27 -10.90
N LEU A 41 -17.42 -17.65 -11.62
CA LEU A 41 -17.80 -18.17 -12.93
C LEU A 41 -16.64 -18.13 -13.92
N ALA A 42 -15.86 -17.05 -13.92
CA ALA A 42 -14.73 -16.96 -14.84
C ALA A 42 -13.71 -18.05 -14.55
N THR A 43 -13.57 -18.43 -13.27
CA THR A 43 -12.65 -19.50 -12.91
C THR A 43 -13.09 -20.82 -13.51
N LEU A 44 -14.39 -21.15 -13.40
CA LEU A 44 -14.89 -22.37 -14.04
C LEU A 44 -14.71 -22.31 -15.57
N GLU A 45 -15.02 -21.16 -16.17
CA GLU A 45 -14.83 -21.03 -17.62
C GLU A 45 -13.39 -21.30 -18.01
N ALA A 46 -12.44 -20.77 -17.25
CA ALA A 46 -11.02 -21.00 -17.55
C ALA A 46 -10.69 -22.47 -17.52
N ILE A 47 -11.24 -23.18 -16.53
CA ILE A 47 -10.94 -24.59 -16.41
C ILE A 47 -11.57 -25.39 -17.55
N LEU A 48 -12.74 -24.96 -18.03
CA LEU A 48 -13.34 -25.71 -19.12
C LEU A 48 -12.63 -25.43 -20.43
N ASP A 49 -12.19 -24.19 -20.63
CA ASP A 49 -11.51 -23.78 -21.86
C ASP A 49 -10.07 -24.28 -21.91
N GLU A 50 -9.42 -24.41 -20.75
CA GLU A 50 -8.02 -24.83 -20.67
C GLU A 50 -7.87 -25.80 -19.53
N PRO A 51 -8.29 -27.05 -19.72
CA PRO A 51 -8.28 -28.03 -18.64
C PRO A 51 -6.91 -28.24 -18.04
N ALA A 52 -5.86 -27.96 -18.82
CA ALA A 52 -4.52 -28.15 -18.28
C ALA A 52 -4.24 -27.22 -17.10
N LEU A 53 -5.05 -26.18 -16.88
CA LEU A 53 -4.88 -25.29 -15.74
C LEU A 53 -5.22 -25.95 -14.41
N PHE A 54 -5.93 -27.07 -14.45
CA PHE A 54 -6.45 -27.70 -13.25
C PHE A 54 -5.44 -28.76 -12.79
N GLU A 55 -4.65 -28.41 -11.79
CA GLU A 55 -3.67 -29.35 -11.24
C GLU A 55 -4.37 -30.58 -10.67
N THR A 56 -3.97 -31.76 -11.11
CA THR A 56 -4.58 -33.00 -10.62
C THR A 56 -3.84 -33.60 -9.44
N GLY A 57 -2.64 -33.10 -9.12
CA GLY A 57 -1.86 -33.57 -7.99
C GLY A 57 -2.25 -32.99 -6.64
N THR A 58 -3.15 -32.00 -6.60
CA THR A 58 -3.71 -31.47 -5.37
C THR A 58 -5.19 -31.86 -5.27
N THR A 59 -5.81 -31.52 -4.14
CA THR A 59 -7.24 -31.74 -4.02
C THR A 59 -7.97 -30.81 -4.99
N PRO A 60 -9.15 -31.19 -5.44
CA PRO A 60 -9.90 -30.33 -6.38
C PRO A 60 -10.17 -28.95 -5.80
N ARG A 61 -10.49 -28.89 -4.52
CA ARG A 61 -10.68 -27.62 -3.84
C ARG A 61 -9.46 -26.71 -3.97
N VAL A 62 -8.27 -27.24 -3.67
CA VAL A 62 -7.06 -26.42 -3.81
C VAL A 62 -6.82 -26.05 -5.28
N ALA A 63 -6.98 -27.03 -6.18
CA ALA A 63 -6.75 -26.79 -7.60
C ALA A 63 -7.69 -25.70 -8.12
N LEU A 64 -8.94 -25.69 -7.66
CA LEU A 64 -9.91 -24.70 -8.12
C LEU A 64 -9.55 -23.29 -7.66
N PHE A 65 -9.17 -23.14 -6.40
CA PHE A 65 -8.76 -21.85 -5.86
C PHE A 65 -7.46 -21.36 -6.46
N THR A 66 -6.56 -22.29 -6.85
CA THR A 66 -5.34 -21.90 -7.53
C THR A 66 -5.65 -21.19 -8.84
N VAL A 67 -6.59 -21.75 -9.62
CA VAL A 67 -6.98 -21.11 -10.87
C VAL A 67 -7.59 -19.75 -10.62
N PHE A 68 -8.44 -19.67 -9.59
CA PHE A 68 -9.10 -18.38 -9.24
C PHE A 68 -8.04 -17.35 -8.93
N HIS A 69 -6.97 -17.65 -8.22
CA HIS A 69 -5.91 -16.69 -7.81
C HIS A 69 -5.17 -16.23 -9.06
N THR A 70 -5.05 -17.03 -10.10
CA THR A 70 -4.44 -16.62 -11.38
C THR A 70 -5.32 -15.56 -11.98
N ILE A 71 -6.60 -15.81 -12.11
CA ILE A 71 -7.57 -14.85 -12.70
C ILE A 71 -7.62 -13.59 -11.82
N TRP A 72 -7.58 -13.76 -10.50
CA TRP A 72 -7.60 -12.64 -9.55
C TRP A 72 -6.38 -11.74 -9.80
N ASN A 73 -5.22 -12.34 -10.07
CA ASN A 73 -4.01 -11.54 -10.29
C ASN A 73 -3.98 -10.82 -11.63
N SER A 74 -4.76 -11.27 -12.60
CA SER A 74 -4.72 -10.68 -13.93
C SER A 74 -5.62 -9.46 -13.98
N SER A 75 -5.09 -8.36 -14.52
CA SER A 75 -5.87 -7.14 -14.67
C SER A 75 -7.16 -7.43 -15.45
N GLY A 76 -8.22 -6.71 -15.10
CA GLY A 76 -9.52 -6.94 -15.70
C GLY A 76 -10.64 -6.96 -14.69
N SER A 77 -11.89 -7.13 -15.16
CA SER A 77 -13.11 -7.08 -14.33
C SER A 77 -12.95 -6.20 -13.09
N GLY A 85 -20.21 1.97 -8.37
CA GLY A 85 -19.81 0.63 -7.97
C GLY A 85 -19.32 0.62 -6.53
N LEU A 86 -18.00 0.48 -6.37
CA LEU A 86 -17.40 0.50 -5.04
C LEU A 86 -17.22 1.94 -4.56
N ALA A 87 -17.59 2.22 -3.32
CA ALA A 87 -17.42 3.55 -2.73
C ALA A 87 -15.98 4.03 -2.86
N ARG A 88 -15.79 5.34 -3.02
CA ARG A 88 -14.44 5.91 -3.16
C ARG A 88 -13.76 5.88 -1.79
N ALA A 89 -14.54 5.76 -0.73
CA ALA A 89 -14.00 5.64 0.64
C ALA A 89 -13.42 4.24 0.77
N ALA A 90 -14.16 3.20 0.40
CA ALA A 90 -13.65 1.84 0.35
C ALA A 90 -12.41 1.75 -0.52
N GLN A 91 -12.45 2.39 -1.69
CA GLN A 91 -11.32 2.32 -2.66
C GLN A 91 -10.06 2.93 -2.02
N ARG A 92 -10.21 3.98 -1.22
CA ARG A 92 -9.04 4.66 -0.57
C ARG A 92 -8.51 3.74 0.54
N HIS A 93 -9.40 3.13 1.32
CA HIS A 93 -9.00 2.22 2.41
C HIS A 93 -8.28 1.02 1.79
N LEU A 94 -8.85 0.39 0.77
CA LEU A 94 -8.25 -0.80 0.18
C LEU A 94 -6.90 -0.49 -0.47
N ALA A 95 -6.75 0.71 -1.04
CA ALA A 95 -5.52 1.07 -1.74
C ALA A 95 -4.31 1.16 -0.80
N ARG A 96 -4.52 1.33 0.50
CA ARG A 96 -3.44 1.37 1.47
C ARG A 96 -3.05 0.00 2.02
N LEU A 97 -3.63 -1.08 1.50
CA LEU A 97 -3.35 -2.42 2.01
C LEU A 97 -2.20 -3.03 1.22
N THR A 98 -1.37 -3.81 1.89
CA THR A 98 -0.27 -4.47 1.21
C THR A 98 -0.81 -5.59 0.32
N PRO A 99 -0.39 -5.67 -0.94
CA PRO A 99 -0.96 -6.69 -1.84
C PRO A 99 -0.78 -8.12 -1.32
N ASN A 100 -1.80 -8.94 -1.58
CA ASN A 100 -1.81 -10.37 -1.29
C ASN A 100 -1.94 -10.69 0.21
N THR A 101 -1.98 -9.68 1.09
CA THR A 101 -2.12 -9.97 2.52
C THR A 101 -3.56 -10.36 2.90
N ARG A 102 -4.56 -9.62 2.40
CA ARG A 102 -5.95 -9.99 2.70
C ARG A 102 -6.30 -11.36 2.10
N GLU A 103 -5.82 -11.64 0.87
CA GLU A 103 -6.02 -12.95 0.27
C GLU A 103 -5.46 -14.07 1.15
N ALA A 104 -4.20 -13.94 1.59
CA ALA A 104 -3.60 -14.98 2.43
C ALA A 104 -4.37 -15.15 3.75
N LEU A 105 -4.78 -14.05 4.36
CA LEU A 105 -5.52 -14.13 5.62
C LEU A 105 -6.88 -14.82 5.44
N LEU A 106 -7.68 -14.38 4.45
CA LEU A 106 -9.00 -14.96 4.22
C LEU A 106 -8.90 -16.43 3.85
N LEU A 107 -7.92 -16.78 2.99
CA LEU A 107 -7.75 -18.17 2.61
C LEU A 107 -7.44 -19.04 3.83
N SER A 108 -6.68 -18.47 4.79
CA SER A 108 -6.20 -19.20 5.95
C SER A 108 -7.26 -19.29 7.03
N THR A 109 -8.25 -18.41 7.03
CA THR A 109 -9.21 -18.37 8.13
C THR A 109 -10.58 -18.82 7.62
N ILE A 110 -11.29 -17.94 6.92
CA ILE A 110 -12.63 -18.27 6.43
C ILE A 110 -12.60 -19.49 5.52
N GLU A 111 -11.61 -19.58 4.63
CA GLU A 111 -11.57 -20.77 3.79
C GLU A 111 -10.82 -21.93 4.42
N ASP A 112 -10.14 -21.71 5.54
CA ASP A 112 -9.62 -22.80 6.37
C ASP A 112 -8.55 -23.63 5.62
N PHE A 113 -7.80 -23.00 4.73
CA PHE A 113 -6.71 -23.70 4.05
C PHE A 113 -5.47 -23.68 4.95
N THR A 114 -4.74 -24.80 4.97
CA THR A 114 -3.45 -24.82 5.66
C THR A 114 -2.44 -23.92 4.95
N PRO A 115 -1.36 -23.58 5.64
CA PRO A 115 -0.37 -22.66 5.06
C PRO A 115 0.30 -23.20 3.80
N GLU A 116 0.51 -24.52 3.73
CA GLU A 116 1.05 -25.10 2.51
C GLU A 116 0.02 -25.07 1.39
N GLU A 117 -1.25 -25.33 1.71
CA GLU A 117 -2.30 -25.20 0.71
C GLU A 117 -2.42 -23.78 0.19
N VAL A 118 -2.32 -22.79 1.09
CA VAL A 118 -2.33 -21.38 0.67
C VAL A 118 -1.14 -21.07 -0.23
N ALA A 119 0.04 -21.60 0.10
CA ALA A 119 1.20 -21.39 -0.75
C ALA A 119 0.98 -21.99 -2.14
N THR A 120 0.34 -23.17 -2.22
CA THR A 120 0.00 -23.75 -3.51
C THR A 120 -0.91 -22.84 -4.31
N ILE A 121 -2.04 -22.42 -3.70
CA ILE A 121 -3.02 -21.57 -4.36
C ILE A 121 -2.40 -20.27 -4.86
N MET A 122 -1.58 -19.62 -4.02
CA MET A 122 -0.96 -18.37 -4.47
C MET A 122 0.38 -18.60 -5.15
N ARG A 123 0.72 -19.84 -5.49
CA ARG A 123 1.93 -20.13 -6.24
C ARG A 123 3.12 -19.46 -5.57
N SER A 124 3.24 -19.72 -4.27
CA SER A 124 4.25 -19.13 -3.39
C SER A 124 4.81 -20.22 -2.50
N ASP A 125 5.65 -19.86 -1.54
CA ASP A 125 6.09 -20.83 -0.56
C ASP A 125 5.53 -20.46 0.81
N VAL A 126 5.62 -21.43 1.72
CA VAL A 126 4.92 -21.27 2.98
C VAL A 126 5.50 -20.11 3.80
N ASP A 127 6.78 -19.78 3.62
CA ASP A 127 7.32 -18.71 4.45
C ASP A 127 6.86 -17.33 3.98
N GLU A 128 6.66 -17.14 2.68
CA GLU A 128 6.07 -15.89 2.25
C GLU A 128 4.60 -15.78 2.69
N VAL A 129 3.87 -16.89 2.69
CA VAL A 129 2.51 -16.89 3.22
C VAL A 129 2.50 -16.44 4.69
N ARG A 130 3.42 -16.97 5.49
CA ARG A 130 3.46 -16.55 6.89
C ARG A 130 3.71 -15.05 7.01
N HIS A 131 4.65 -14.50 6.21
CA HIS A 131 4.86 -13.06 6.20
C HIS A 131 3.60 -12.29 5.82
N LEU A 132 2.89 -12.76 4.79
CA LEU A 132 1.70 -12.03 4.32
C LEU A 132 0.63 -12.01 5.40
N ILE A 133 0.46 -13.14 6.10
CA ILE A 133 -0.53 -13.22 7.16
C ILE A 133 -0.15 -12.29 8.31
N ASN A 134 1.12 -12.31 8.69
CA ASN A 134 1.63 -11.42 9.76
C ASN A 134 1.45 -9.96 9.34
N ARG A 135 1.69 -9.61 8.09
CA ARG A 135 1.51 -8.23 7.58
C ARG A 135 0.02 -7.90 7.59
N ALA A 136 -0.84 -8.87 7.34
CA ALA A 136 -2.30 -8.66 7.35
C ALA A 136 -2.69 -8.24 8.76
N ARG A 137 -2.23 -8.97 9.77
CA ARG A 137 -2.62 -8.66 11.15
C ARG A 137 -2.01 -7.35 11.62
N SER A 138 -0.82 -7.00 11.14
CA SER A 138 -0.26 -5.70 11.50
C SER A 138 -1.16 -4.58 11.02
N GLU A 139 -1.54 -4.60 9.75
CA GLU A 139 -2.33 -3.47 9.19
C GLU A 139 -3.71 -3.41 9.85
N MET A 140 -4.17 -4.52 10.45
CA MET A 140 -5.49 -4.58 11.13
C MET A 140 -5.41 -3.78 12.44
N GLU A 141 -4.21 -3.57 12.97
CA GLU A 141 -4.02 -2.81 14.23
C GLU A 141 -4.15 -1.30 13.95
N ASP A 142 -3.90 -0.85 12.72
CA ASP A 142 -4.06 0.56 12.37
C ASP A 142 -5.49 0.92 12.02
N SER A 143 -6.38 -0.05 11.88
CA SER A 143 -7.74 0.24 11.46
C SER A 143 -8.46 1.10 12.48
N VAL A 144 -9.42 1.89 12.00
CA VAL A 144 -10.20 2.76 12.86
C VAL A 144 -11.32 1.96 13.53
N SER A 145 -11.77 2.47 14.67
CA SER A 145 -12.87 1.86 15.40
C SER A 145 -14.19 2.22 14.74
N GLY A 146 -15.06 1.23 14.55
CA GLY A 146 -16.39 1.42 14.01
C GLY A 146 -17.47 1.00 14.99
N ARG A 147 -18.71 1.22 14.58
CA ARG A 147 -19.86 0.82 15.39
C ARG A 147 -20.60 -0.32 14.69
N VAL A 148 -20.87 -1.37 15.44
CA VAL A 148 -21.39 -2.62 14.90
C VAL A 148 -22.73 -2.91 15.57
N MET A 149 -23.74 -3.25 14.77
CA MET A 149 -24.99 -3.73 15.37
C MET A 149 -25.08 -5.24 15.19
N ILE A 150 -25.61 -5.94 16.20
CA ILE A 150 -25.67 -7.39 16.17
C ILE A 150 -27.14 -7.79 16.13
N ILE A 151 -27.49 -8.61 15.15
CA ILE A 151 -28.84 -9.13 15.03
C ILE A 151 -28.72 -10.62 15.27
N GLU A 152 -29.20 -11.07 16.43
CA GLU A 152 -29.00 -12.45 16.85
C GLU A 152 -29.94 -12.71 18.01
N ASP A 153 -30.76 -13.75 17.93
CA ASP A 153 -31.71 -14.03 18.99
C ASP A 153 -31.18 -14.96 20.06
N GLU A 154 -30.13 -15.74 19.79
CA GLU A 154 -29.54 -16.59 20.82
C GLU A 154 -28.60 -15.76 21.69
N ALA A 155 -28.98 -15.58 22.96
CA ALA A 155 -28.33 -14.57 23.79
C ALA A 155 -26.86 -14.91 24.06
N ILE A 156 -26.52 -16.20 24.22
CA ILE A 156 -25.12 -16.56 24.45
C ILE A 156 -24.29 -16.29 23.19
N ILE A 157 -24.82 -16.60 22.00
CA ILE A 157 -24.13 -16.19 20.77
C ILE A 157 -23.91 -14.68 20.75
N ALA A 158 -24.98 -13.91 20.99
CA ALA A 158 -24.86 -12.45 20.92
C ALA A 158 -23.79 -11.94 21.86
N LEU A 159 -23.71 -12.52 23.05
CA LEU A 159 -22.72 -12.11 24.03
C LEU A 159 -21.32 -12.44 23.55
N ASP A 160 -21.13 -13.66 23.03
CA ASP A 160 -19.83 -14.02 22.46
C ASP A 160 -19.43 -13.07 21.33
N LEU A 161 -20.33 -12.80 20.38
CA LEU A 161 -20.00 -11.86 19.31
C LEU A 161 -19.63 -10.48 19.84
N GLN A 162 -20.36 -10.00 20.84
CA GLN A 162 -20.03 -8.73 21.48
C GLN A 162 -18.57 -8.72 21.95
N THR A 163 -18.14 -9.81 22.61
CA THR A 163 -16.77 -9.88 23.12
C THR A 163 -15.76 -9.76 21.99
N ILE A 164 -16.00 -10.49 20.89
CA ILE A 164 -15.08 -10.43 19.76
C ILE A 164 -15.05 -9.02 19.20
N VAL A 165 -16.24 -8.43 18.97
CA VAL A 165 -16.31 -7.07 18.43
C VAL A 165 -15.51 -6.10 19.29
N ALA A 166 -15.70 -6.18 20.61
CA ALA A 166 -15.04 -5.25 21.55
C ALA A 166 -13.53 -5.43 21.53
N ASP A 167 -13.06 -6.69 21.62
CA ASP A 167 -11.62 -6.91 21.60
C ASP A 167 -11.00 -6.47 20.28
N MET A 168 -11.79 -6.32 19.21
CA MET A 168 -11.23 -5.76 17.99
C MET A 168 -11.13 -4.24 18.04
N GLY A 169 -11.57 -3.61 19.13
CA GLY A 169 -11.57 -2.16 19.20
C GLY A 169 -12.80 -1.48 18.67
N HIS A 170 -13.84 -2.23 18.36
CA HIS A 170 -15.08 -1.66 17.82
C HIS A 170 -16.11 -1.53 18.92
N ALA A 171 -17.11 -0.70 18.69
CA ALA A 171 -18.19 -0.50 19.64
C ALA A 171 -19.46 -1.16 19.10
N ILE A 172 -20.32 -1.58 20.01
CA ILE A 172 -21.57 -2.24 19.66
C ILE A 172 -22.70 -1.23 19.86
N THR A 173 -23.50 -1.00 18.82
CA THR A 173 -24.67 -0.15 19.01
C THR A 173 -25.72 -0.87 19.84
N GLY A 174 -25.77 -2.19 19.75
CA GLY A 174 -26.72 -2.96 20.52
C GLY A 174 -27.02 -4.27 19.85
N VAL A 175 -27.78 -5.09 20.55
CA VAL A 175 -28.21 -6.40 20.08
C VAL A 175 -29.71 -6.32 19.82
N ALA A 176 -30.14 -6.80 18.66
CA ALA A 176 -31.54 -6.91 18.30
C ALA A 176 -31.86 -8.38 18.08
N ARG A 177 -32.97 -8.86 18.68
CA ARG A 177 -33.32 -10.26 18.62
C ARG A 177 -34.51 -10.54 17.73
N THR A 178 -35.15 -9.49 17.20
CA THR A 178 -36.26 -9.64 16.28
C THR A 178 -36.06 -8.65 15.16
N ARG A 179 -36.72 -8.90 14.03
CA ARG A 179 -36.65 -7.96 12.92
C ARG A 179 -37.08 -6.57 13.37
N ASP A 180 -38.15 -6.48 14.15
CA ASP A 180 -38.64 -5.16 14.54
C ASP A 180 -37.68 -4.45 15.47
N ALA A 181 -37.08 -5.17 16.41
CA ALA A 181 -36.10 -4.59 17.34
C ALA A 181 -34.87 -4.12 16.54
N ALA A 182 -34.55 -4.81 15.45
CA ALA A 182 -33.41 -4.46 14.59
C ALA A 182 -33.73 -3.18 13.81
N VAL A 183 -34.89 -3.12 13.18
CA VAL A 183 -35.28 -1.91 12.41
C VAL A 183 -35.34 -0.71 13.38
N ALA A 184 -35.82 -0.89 14.62
CA ALA A 184 -35.85 0.21 15.62
C ALA A 184 -34.45 0.64 16.02
N LEU A 185 -33.54 -0.29 16.32
CA LEU A 185 -32.18 0.02 16.80
C LEU A 185 -31.42 0.77 15.71
N ALA A 186 -31.57 0.37 14.46
CA ALA A 186 -30.86 0.99 13.32
C ALA A 186 -31.37 2.43 13.20
N GLY A 187 -32.63 2.70 13.53
CA GLY A 187 -33.13 4.06 13.51
C GLY A 187 -32.53 4.95 14.60
N ILE A 188 -32.27 4.39 15.79
CA ILE A 188 -31.61 5.15 16.85
C ILE A 188 -30.20 5.56 16.42
N GLU A 189 -29.42 4.60 15.92
CA GLU A 189 -28.04 4.85 15.53
C GLU A 189 -27.71 4.00 14.31
N LYS A 190 -27.39 4.67 13.22
CA LYS A 190 -26.96 3.99 12.01
C LYS A 190 -25.62 3.31 12.28
N PRO A 191 -25.55 1.99 12.24
CA PRO A 191 -24.27 1.32 12.46
C PRO A 191 -23.35 1.44 11.25
N ASP A 192 -22.05 1.21 11.48
CA ASP A 192 -21.10 1.07 10.38
C ASP A 192 -21.08 -0.33 9.80
N LEU A 193 -21.61 -1.30 10.54
CA LEU A 193 -21.52 -2.69 10.11
C LEU A 193 -22.60 -3.44 10.84
N ILE A 194 -23.18 -4.42 10.16
CA ILE A 194 -24.18 -5.26 10.79
C ILE A 194 -23.71 -6.70 10.78
N LEU A 195 -23.84 -7.35 11.92
CA LEU A 195 -23.68 -8.80 12.03
C LEU A 195 -25.07 -9.40 12.16
N ALA A 196 -25.45 -10.30 11.26
CA ALA A 196 -26.85 -10.71 11.15
C ALA A 196 -27.00 -12.22 11.11
N ASP A 197 -27.77 -12.74 12.07
CA ASP A 197 -28.22 -14.11 12.06
C ASP A 197 -29.45 -14.16 11.15
N ILE A 198 -29.89 -15.36 10.75
CA ILE A 198 -31.05 -15.47 9.86
C ILE A 198 -32.37 -15.65 10.61
N GLN A 199 -32.51 -16.75 11.36
CA GLN A 199 -33.75 -17.02 12.08
C GLN A 199 -33.71 -16.32 13.43
N LEU A 200 -34.67 -15.42 13.67
CA LEU A 200 -34.69 -14.59 14.86
C LEU A 200 -35.75 -15.11 15.84
N ALA A 201 -35.92 -14.40 16.96
CA ALA A 201 -36.66 -14.97 18.09
C ALA A 201 -38.12 -15.18 17.77
N ASP A 202 -38.77 -14.21 17.12
CA ASP A 202 -40.18 -14.28 16.78
C ASP A 202 -40.41 -14.99 15.45
N ARG A 203 -39.44 -15.76 14.97
CA ARG A 203 -39.47 -16.49 13.69
C ARG A 203 -39.41 -15.57 12.47
N SER A 204 -39.22 -14.27 12.65
CA SER A 204 -38.87 -13.38 11.54
C SER A 204 -37.41 -13.60 11.09
N SER A 205 -37.08 -13.04 9.95
CA SER A 205 -35.81 -13.34 9.30
C SER A 205 -34.87 -12.14 9.40
N GLY A 206 -33.60 -12.43 9.72
CA GLY A 206 -32.60 -11.38 9.63
C GLY A 206 -32.41 -10.86 8.22
N ILE A 207 -32.71 -11.68 7.20
CA ILE A 207 -32.64 -11.21 5.82
C ILE A 207 -33.61 -10.05 5.61
N ASP A 208 -34.86 -10.23 6.07
CA ASP A 208 -35.81 -9.14 5.88
C ASP A 208 -35.41 -7.93 6.71
N ALA A 209 -34.94 -8.15 7.93
CA ALA A 209 -34.57 -7.03 8.78
C ALA A 209 -33.47 -6.21 8.13
N VAL A 210 -32.48 -6.91 7.56
CA VAL A 210 -31.38 -6.22 6.88
C VAL A 210 -31.91 -5.44 5.68
N ASN A 211 -32.71 -6.12 4.83
CA ASN A 211 -33.25 -5.44 3.64
C ASN A 211 -34.00 -4.16 4.01
N GLU A 212 -34.81 -4.21 5.08
CA GLU A 212 -35.57 -3.05 5.53
C GLU A 212 -34.65 -1.95 6.06
N ILE A 213 -33.60 -2.32 6.82
CA ILE A 213 -32.65 -1.32 7.32
C ILE A 213 -31.92 -0.63 6.18
N LEU A 214 -31.52 -1.42 5.17
CA LEU A 214 -30.72 -0.84 4.09
C LEU A 214 -31.59 0.08 3.23
N ARG A 215 -32.84 -0.29 2.98
CA ARG A 215 -33.72 0.60 2.23
C ARG A 215 -33.83 1.95 2.91
N ALA A 216 -33.87 1.96 4.25
CA ALA A 216 -34.08 3.16 5.03
C ALA A 216 -32.80 3.94 5.30
N ARG A 217 -31.67 3.26 5.53
CA ARG A 217 -30.49 3.95 6.03
C ARG A 217 -29.34 3.98 5.03
N GLY A 218 -29.52 3.41 3.84
CA GLY A 218 -28.46 3.34 2.88
C GLY A 218 -27.63 2.09 3.04
N ASP A 219 -26.68 1.94 2.13
CA ASP A 219 -25.82 0.76 2.12
C ASP A 219 -24.91 0.73 3.35
N ILE A 220 -24.91 -0.40 4.04
CA ILE A 220 -24.05 -0.69 5.19
C ILE A 220 -23.56 -2.09 4.93
N PRO A 221 -22.29 -2.39 5.13
CA PRO A 221 -21.81 -3.78 4.99
C PRO A 221 -22.51 -4.69 6.00
N VAL A 222 -22.86 -5.89 5.56
CA VAL A 222 -23.55 -6.86 6.42
C VAL A 222 -22.82 -8.18 6.35
N ILE A 223 -22.56 -8.78 7.49
CA ILE A 223 -22.02 -10.15 7.52
C ILE A 223 -23.10 -11.05 8.06
N PHE A 224 -23.54 -12.01 7.26
CA PHE A 224 -24.50 -12.99 7.75
C PHE A 224 -23.73 -14.15 8.38
N ILE A 225 -24.16 -14.55 9.57
CA ILE A 225 -23.59 -15.67 10.32
C ILE A 225 -24.67 -16.73 10.42
N THR A 226 -24.42 -17.90 9.83
CA THR A 226 -25.48 -18.86 9.63
C THR A 226 -24.90 -20.26 9.47
N ALA A 227 -25.58 -21.24 10.04
CA ALA A 227 -25.35 -22.62 9.63
C ALA A 227 -25.76 -22.76 8.17
N PHE A 228 -25.20 -23.75 7.50
CA PHE A 228 -25.50 -24.01 6.09
C PHE A 228 -25.35 -22.78 5.19
N PRO A 229 -24.21 -22.10 5.22
CA PRO A 229 -24.03 -20.94 4.32
C PRO A 229 -24.15 -21.32 2.86
N GLU A 230 -23.98 -22.61 2.52
CA GLU A 230 -24.12 -23.07 1.14
C GLU A 230 -25.44 -22.66 0.53
N ARG A 231 -26.48 -22.48 1.35
CA ARG A 231 -27.79 -22.12 0.82
C ARG A 231 -27.87 -20.66 0.39
N LEU A 232 -26.86 -19.86 0.73
CA LEU A 232 -26.78 -18.47 0.29
C LEU A 232 -25.60 -18.27 -0.66
N LEU A 233 -25.05 -19.36 -1.19
CA LEU A 233 -23.88 -19.33 -2.07
C LEU A 233 -24.17 -20.00 -3.41
N THR A 234 -25.43 -19.96 -3.84
CA THR A 234 -25.83 -20.63 -5.08
C THR A 234 -25.59 -19.77 -6.30
N GLY A 235 -25.51 -18.45 -6.15
CA GLY A 235 -25.45 -17.57 -7.29
C GLY A 235 -26.72 -17.42 -8.10
N GLU A 236 -27.82 -18.05 -7.71
CA GLU A 236 -29.04 -18.03 -8.51
C GLU A 236 -29.98 -16.90 -8.13
N ARG A 237 -29.70 -16.14 -7.08
CA ARG A 237 -30.61 -15.12 -6.58
C ARG A 237 -29.82 -14.14 -5.72
N PRO A 238 -30.42 -13.01 -5.35
CA PRO A 238 -29.69 -12.05 -4.49
C PRO A 238 -29.28 -12.71 -3.19
N GLU A 239 -27.99 -12.58 -2.86
CA GLU A 239 -27.36 -13.30 -1.77
C GLU A 239 -26.32 -12.39 -1.13
N PRO A 240 -25.91 -12.68 0.11
CA PRO A 240 -24.99 -11.78 0.83
C PRO A 240 -23.58 -11.78 0.25
N ALA A 241 -22.89 -10.63 0.41
CA ALA A 241 -21.46 -10.56 0.07
C ALA A 241 -20.57 -11.15 1.16
N PHE A 242 -20.98 -11.13 2.44
CA PHE A 242 -20.15 -11.64 3.53
C PHE A 242 -20.92 -12.68 4.34
N LEU A 243 -20.34 -13.87 4.48
CA LEU A 243 -21.01 -15.02 5.11
C LEU A 243 -20.02 -15.76 6.00
N ILE A 244 -20.31 -15.84 7.29
CA ILE A 244 -19.52 -16.62 8.28
C ILE A 244 -20.42 -17.80 8.65
N SER A 245 -19.85 -18.96 8.96
CA SER A 245 -20.64 -20.17 9.25
C SER A 245 -20.93 -20.30 10.74
N LYS A 246 -21.92 -21.11 11.12
CA LYS A 246 -22.18 -21.45 12.53
C LYS A 246 -22.04 -22.98 12.60
N PRO A 247 -21.12 -23.56 13.39
CA PRO A 247 -20.31 -22.84 14.40
C PRO A 247 -19.18 -22.05 13.76
N TYR A 248 -18.68 -21.03 14.44
CA TYR A 248 -17.61 -20.20 13.90
C TYR A 248 -16.43 -20.27 14.83
N ARG A 249 -15.26 -20.08 14.25
CA ARG A 249 -14.05 -19.82 15.01
C ARG A 249 -13.86 -18.32 15.09
N GLU A 250 -13.28 -17.86 16.20
CA GLU A 250 -13.04 -16.44 16.41
C GLU A 250 -12.22 -15.84 15.28
N ASP A 251 -11.22 -16.59 14.79
CA ASP A 251 -10.38 -16.05 13.72
C ASP A 251 -11.20 -15.78 12.47
N GLN A 252 -12.22 -16.60 12.20
CA GLN A 252 -13.06 -16.34 11.03
C GLN A 252 -13.91 -15.10 11.21
N VAL A 253 -14.39 -14.86 12.42
CA VAL A 253 -15.23 -13.66 12.69
C VAL A 253 -14.37 -12.39 12.54
N ARG A 254 -13.16 -12.42 13.06
CA ARG A 254 -12.27 -11.23 13.01
C ARG A 254 -11.92 -10.90 11.55
N SER A 255 -11.67 -11.93 10.75
CA SER A 255 -11.31 -11.72 9.32
C SER A 255 -12.51 -11.11 8.59
N ALA A 256 -13.70 -11.69 8.79
CA ALA A 256 -14.89 -11.15 8.16
C ALA A 256 -15.20 -9.73 8.62
N ILE A 257 -15.09 -9.45 9.93
CA ILE A 257 -15.34 -8.09 10.39
C ILE A 257 -14.34 -7.12 9.79
N SER A 258 -13.06 -7.48 9.79
CA SER A 258 -12.08 -6.54 9.25
C SER A 258 -12.27 -6.35 7.76
N GLN A 259 -12.63 -7.44 7.06
CA GLN A 259 -12.83 -7.35 5.63
C GLN A 259 -14.02 -6.46 5.31
N ALA A 260 -15.17 -6.73 5.94
CA ALA A 260 -16.36 -5.94 5.65
C ALA A 260 -16.17 -4.49 6.06
N MET A 261 -15.38 -4.23 7.11
CA MET A 261 -15.17 -2.85 7.56
C MET A 261 -14.56 -1.99 6.45
N PHE A 262 -13.68 -2.57 5.61
CA PHE A 262 -13.11 -1.79 4.51
C PHE A 262 -14.17 -1.18 3.61
N PHE A 263 -15.38 -1.74 3.63
CA PHE A 263 -16.43 -1.26 2.75
C PHE A 263 -17.42 -0.35 3.48
N ALA A 264 -17.13 -0.01 4.74
CA ALA A 264 -17.83 1.05 5.51
C ALA A 264 -19.34 1.04 5.43
N ASP B 10 2.01 8.10 13.89
CA ASP B 10 1.67 7.52 12.59
C ASP B 10 1.63 8.60 11.53
N LEU B 11 2.16 9.78 11.86
CA LEU B 11 2.09 10.89 10.91
C LEU B 11 2.81 10.53 9.62
N SER B 12 4.02 9.99 9.72
CA SER B 12 4.77 9.62 8.53
C SER B 12 3.97 8.71 7.63
N ALA B 13 3.42 7.63 8.20
CA ALA B 13 2.61 6.70 7.42
C ALA B 13 1.41 7.42 6.79
N GLN B 14 0.74 8.30 7.52
CA GLN B 14 -0.46 9.00 7.04
C GLN B 14 -0.08 9.94 5.87
N ILE B 15 1.02 10.66 5.97
CA ILE B 15 1.45 11.62 4.91
C ILE B 15 1.74 10.84 3.62
N ALA B 16 2.41 9.69 3.73
CA ALA B 16 2.78 8.88 2.55
C ALA B 16 1.52 8.34 1.88
N ALA B 17 0.52 7.98 2.67
CA ALA B 17 -0.76 7.47 2.14
C ALA B 17 -1.45 8.56 1.32
N GLU B 18 -1.25 9.84 1.66
CA GLU B 18 -1.93 10.93 0.97
C GLU B 18 -1.15 11.47 -0.23
N LEU B 19 0.11 11.08 -0.39
CA LEU B 19 0.95 11.63 -1.48
C LEU B 19 0.31 11.39 -2.85
N PRO B 20 -0.34 10.25 -3.16
CA PRO B 20 -0.98 10.05 -4.48
C PRO B 20 -2.01 11.14 -4.79
N TYR B 21 -2.77 11.58 -3.80
CA TYR B 21 -3.83 12.60 -4.01
C TYR B 21 -3.22 13.96 -4.16
N LEU B 22 -2.10 14.22 -3.48
CA LEU B 22 -1.38 15.49 -3.66
C LEU B 22 -0.88 15.52 -5.10
N ARG B 23 -0.44 14.39 -5.67
CA ARG B 23 -0.05 14.37 -7.09
C ARG B 23 -1.24 14.69 -7.99
N ARG B 24 -2.41 14.11 -7.70
CA ARG B 24 -3.58 14.36 -8.53
C ARG B 24 -3.87 15.85 -8.62
N TYR B 25 -3.91 16.51 -7.46
CA TYR B 25 -4.19 17.93 -7.39
C TYR B 25 -3.15 18.74 -8.15
N ALA B 26 -1.87 18.58 -7.79
CA ALA B 26 -0.79 19.34 -8.45
C ALA B 26 -0.75 19.08 -9.95
N ARG B 27 -1.04 17.85 -10.38
CA ARG B 27 -1.05 17.57 -11.82
C ARG B 27 -2.17 18.35 -12.53
N ALA B 28 -3.34 18.45 -11.92
CA ALA B 28 -4.48 19.16 -12.54
C ALA B 28 -4.14 20.64 -12.68
N LEU B 29 -3.58 21.25 -11.65
CA LEU B 29 -3.22 22.69 -11.65
C LEU B 29 -2.13 22.98 -12.68
N THR B 30 -1.13 22.11 -12.83
CA THR B 30 0.02 22.32 -13.73
C THR B 30 -0.30 21.83 -15.12
N GLY B 31 -1.17 20.83 -15.28
CA GLY B 31 -1.44 20.26 -16.58
C GLY B 31 -0.47 19.18 -17.01
N SER B 32 0.38 18.67 -16.13
CA SER B 32 1.41 17.72 -16.53
C SER B 32 1.76 16.78 -15.39
N GLN B 33 1.89 15.49 -15.69
CA GLN B 33 2.39 14.58 -14.66
C GLN B 33 3.74 15.08 -14.16
N SER B 34 4.62 15.44 -15.10
CA SER B 34 5.96 15.92 -14.79
C SER B 34 5.95 16.99 -13.69
N SER B 35 5.30 18.13 -13.96
CA SER B 35 5.35 19.22 -13.00
C SER B 35 4.53 18.93 -11.75
N GLY B 36 3.42 18.17 -11.89
CA GLY B 36 2.62 17.85 -10.73
C GLY B 36 3.34 16.94 -9.76
N ASP B 37 3.95 15.87 -10.28
CA ASP B 37 4.72 14.99 -9.40
C ASP B 37 5.86 15.74 -8.75
N ALA B 38 6.45 16.68 -9.48
CA ALA B 38 7.58 17.46 -8.97
C ALA B 38 7.10 18.40 -7.86
N TYR B 39 5.88 18.90 -7.98
CA TYR B 39 5.34 19.87 -6.99
C TYR B 39 4.97 19.09 -5.74
N ALA B 40 4.44 17.88 -5.87
CA ALA B 40 3.99 17.06 -4.72
C ALA B 40 5.21 16.56 -3.94
N LEU B 41 6.28 16.22 -4.64
CA LEU B 41 7.51 15.70 -4.00
C LEU B 41 8.24 16.87 -3.36
N ALA B 42 8.08 18.08 -3.90
CA ALA B 42 8.69 19.29 -3.33
C ALA B 42 7.97 19.62 -2.03
N THR B 43 6.68 19.27 -1.94
CA THR B 43 5.89 19.51 -0.71
C THR B 43 6.38 18.58 0.36
N LEU B 44 6.58 17.31 0.03
CA LEU B 44 7.05 16.32 1.02
C LEU B 44 8.47 16.68 1.45
N GLU B 45 9.30 17.17 0.52
CA GLU B 45 10.70 17.51 0.83
C GLU B 45 10.73 18.74 1.74
N ALA B 46 9.72 19.61 1.70
CA ALA B 46 9.64 20.76 2.59
C ALA B 46 9.29 20.34 4.01
N ILE B 47 8.46 19.31 4.15
CA ILE B 47 8.09 18.82 5.47
C ILE B 47 9.25 18.07 6.12
N LEU B 48 9.97 17.25 5.34
CA LEU B 48 11.14 16.58 5.88
C LEU B 48 12.24 17.57 6.24
N ASP B 49 12.34 18.68 5.48
CA ASP B 49 13.31 19.74 5.77
C ASP B 49 12.91 20.53 7.01
N GLU B 50 11.63 20.89 7.13
CA GLU B 50 11.14 21.70 8.24
C GLU B 50 9.91 21.02 8.83
N PRO B 51 10.12 19.99 9.65
CA PRO B 51 8.97 19.29 10.26
C PRO B 51 7.97 20.22 10.92
N ALA B 52 8.41 21.34 11.47
CA ALA B 52 7.49 22.30 12.07
C ALA B 52 6.50 22.87 11.07
N LEU B 53 6.71 22.64 9.77
CA LEU B 53 5.75 23.08 8.76
C LEU B 53 4.45 22.31 8.85
N PHE B 54 4.47 21.15 9.52
CA PHE B 54 3.31 20.26 9.56
C PHE B 54 2.43 20.61 10.75
N GLU B 55 1.17 20.96 10.46
CA GLU B 55 0.19 21.30 11.52
C GLU B 55 -0.37 19.98 12.11
N THR B 56 -0.19 19.78 13.41
CA THR B 56 -0.68 18.57 14.12
C THR B 56 -2.09 18.84 14.56
N GLY B 57 -2.53 20.10 14.51
CA GLY B 57 -3.89 20.49 14.89
C GLY B 57 -4.89 20.21 13.78
N THR B 58 -4.44 19.75 12.60
CA THR B 58 -5.32 19.40 11.50
C THR B 58 -5.01 17.98 11.06
N THR B 59 -5.95 17.38 10.32
CA THR B 59 -5.72 16.05 9.79
C THR B 59 -4.46 16.03 8.92
N PRO B 60 -3.74 14.91 8.89
CA PRO B 60 -2.54 14.83 8.04
C PRO B 60 -2.83 15.24 6.60
N ARG B 61 -3.93 14.76 6.03
CA ARG B 61 -4.30 15.15 4.66
C ARG B 61 -4.36 16.68 4.57
N VAL B 62 -5.11 17.36 5.44
CA VAL B 62 -5.25 18.81 5.33
C VAL B 62 -3.90 19.50 5.51
N ALA B 63 -3.12 19.04 6.49
CA ALA B 63 -1.82 19.65 6.74
C ALA B 63 -0.90 19.51 5.53
N LEU B 64 -0.90 18.32 4.91
CA LEU B 64 -0.11 18.12 3.70
C LEU B 64 -0.50 19.12 2.62
N PHE B 65 -1.81 19.29 2.38
CA PHE B 65 -2.23 20.21 1.33
C PHE B 65 -2.00 21.66 1.74
N THR B 66 -2.04 21.96 3.05
CA THR B 66 -1.74 23.32 3.49
C THR B 66 -0.29 23.70 3.17
N VAL B 67 0.65 22.78 3.42
CA VAL B 67 2.04 23.03 3.03
C VAL B 67 2.16 23.22 1.53
N PHE B 68 1.47 22.37 0.78
CA PHE B 68 1.52 22.44 -0.70
C PHE B 68 1.04 23.79 -1.15
N HIS B 69 0.00 24.40 -0.57
CA HIS B 69 -0.53 25.66 -1.07
C HIS B 69 0.43 26.81 -0.77
N THR B 70 1.10 26.75 0.39
CA THR B 70 2.14 27.73 0.70
C THR B 70 3.20 27.76 -0.40
N ILE B 71 3.72 26.59 -0.76
CA ILE B 71 4.69 26.51 -1.85
C ILE B 71 4.07 26.99 -3.16
N TRP B 72 2.86 26.50 -3.48
CA TRP B 72 2.21 26.88 -4.73
C TRP B 72 2.05 28.39 -4.85
N ASN B 73 1.63 29.04 -3.77
CA ASN B 73 1.39 30.47 -3.80
C ASN B 73 2.68 31.28 -3.78
N SER B 74 3.75 30.75 -3.18
CA SER B 74 5.00 31.48 -3.03
C SER B 74 5.61 31.84 -4.38
N SER B 75 6.52 32.81 -4.35
CA SER B 75 7.30 33.19 -5.53
C SER B 75 8.23 32.08 -5.97
N GLY B 76 8.51 31.10 -5.10
CA GLY B 76 9.47 30.04 -5.41
C GLY B 76 8.93 28.99 -6.35
N SER B 77 9.84 28.12 -6.78
CA SER B 77 9.56 27.03 -7.71
C SER B 77 10.22 25.76 -7.21
N PRO B 78 9.74 24.59 -7.65
CA PRO B 78 10.30 23.32 -7.17
C PRO B 78 11.73 23.12 -7.64
N VAL B 79 12.62 22.80 -6.70
CA VAL B 79 13.97 22.32 -7.03
C VAL B 79 13.83 20.84 -7.36
N SER B 80 13.77 20.51 -8.65
CA SER B 80 13.45 19.17 -9.10
C SER B 80 14.52 18.67 -10.06
N ASP B 81 14.41 17.39 -10.41
CA ASP B 81 15.40 16.77 -11.29
C ASP B 81 15.35 17.40 -12.68
N GLY B 82 14.18 17.89 -13.10
CA GLY B 82 14.05 18.58 -14.37
C GLY B 82 13.50 19.97 -14.19
N GLU B 83 12.55 20.37 -15.03
CA GLU B 83 11.96 21.73 -15.00
C GLU B 83 10.50 21.63 -14.55
N THR B 84 10.09 22.48 -13.63
CA THR B 84 8.72 22.53 -13.09
C THR B 84 8.06 23.78 -13.60
N GLY B 85 6.76 23.74 -13.82
CA GLY B 85 6.02 24.93 -14.25
C GLY B 85 4.61 24.59 -14.66
N LEU B 86 3.84 25.57 -15.13
CA LEU B 86 2.48 25.36 -15.61
C LEU B 86 2.49 24.48 -16.86
N ALA B 87 2.11 24.96 -18.04
CA ALA B 87 2.06 24.07 -19.24
C ALA B 87 2.08 24.82 -20.56
N ARG B 88 2.37 26.12 -20.61
CA ARG B 88 2.50 26.91 -21.85
C ARG B 88 1.14 27.06 -22.54
N ALA B 89 0.42 25.98 -22.84
CA ALA B 89 -0.93 26.02 -23.45
C ALA B 89 -1.86 26.88 -22.60
N ALA B 90 -1.85 26.70 -21.29
CA ALA B 90 -2.76 27.43 -20.38
C ALA B 90 -2.12 28.71 -19.88
N GLN B 91 -1.02 29.17 -20.48
CA GLN B 91 -0.45 30.45 -20.04
C GLN B 91 -1.32 31.62 -20.48
N ARG B 92 -1.99 31.51 -21.63
CA ARG B 92 -2.80 32.62 -22.13
C ARG B 92 -4.00 32.89 -21.22
N HIS B 93 -4.49 31.86 -20.52
CA HIS B 93 -5.68 31.99 -19.62
C HIS B 93 -5.29 32.56 -18.26
N LEU B 94 -4.01 32.72 -17.97
CA LEU B 94 -3.56 33.21 -16.64
C LEU B 94 -3.97 34.68 -16.45
N ALA B 95 -4.14 35.43 -17.53
CA ALA B 95 -4.49 36.86 -17.47
C ALA B 95 -5.97 37.05 -17.22
N ARG B 96 -6.80 36.07 -17.59
CA ARG B 96 -8.25 36.19 -17.46
C ARG B 96 -8.82 35.52 -16.23
N LEU B 97 -8.05 34.67 -15.55
CA LEU B 97 -8.58 33.93 -14.42
C LEU B 97 -8.22 34.62 -13.11
N THR B 98 -9.14 34.58 -12.17
CA THR B 98 -8.89 35.17 -10.87
C THR B 98 -7.99 34.25 -10.04
N PRO B 99 -6.97 34.79 -9.39
CA PRO B 99 -6.12 33.97 -8.53
C PRO B 99 -6.95 33.20 -7.50
N ASN B 100 -6.47 32.01 -7.16
CA ASN B 100 -7.01 31.15 -6.11
C ASN B 100 -8.40 30.59 -6.40
N THR B 101 -9.03 30.89 -7.55
CA THR B 101 -10.36 30.37 -7.84
C THR B 101 -10.31 28.91 -8.30
N ARG B 102 -9.47 28.60 -9.30
CA ARG B 102 -9.29 27.21 -9.73
C ARG B 102 -8.83 26.34 -8.56
N GLU B 103 -7.91 26.86 -7.74
CA GLU B 103 -7.44 26.11 -6.58
C GLU B 103 -8.59 25.77 -5.63
N ALA B 104 -9.39 26.77 -5.29
CA ALA B 104 -10.49 26.56 -4.35
C ALA B 104 -11.51 25.58 -4.92
N LEU B 105 -11.78 25.64 -6.22
CA LEU B 105 -12.78 24.75 -6.86
C LEU B 105 -12.26 23.32 -6.86
N LEU B 106 -11.01 23.10 -7.26
CA LEU B 106 -10.45 21.75 -7.38
C LEU B 106 -10.38 21.13 -5.97
N LEU B 107 -9.92 21.89 -4.99
CA LEU B 107 -9.78 21.38 -3.62
C LEU B 107 -11.15 20.95 -3.10
N SER B 108 -12.22 21.70 -3.38
CA SER B 108 -13.52 21.41 -2.79
C SER B 108 -14.31 20.38 -3.58
N THR B 109 -13.86 19.99 -4.78
CA THR B 109 -14.63 19.05 -5.59
C THR B 109 -13.81 17.77 -5.78
N ILE B 110 -12.88 17.77 -6.74
CA ILE B 110 -12.08 16.58 -7.01
C ILE B 110 -11.36 16.09 -5.75
N GLU B 111 -10.84 17.01 -4.94
CA GLU B 111 -10.10 16.58 -3.77
C GLU B 111 -10.96 16.39 -2.50
N ASP B 112 -12.25 16.76 -2.54
CA ASP B 112 -13.25 16.40 -1.53
C ASP B 112 -13.02 17.05 -0.17
N PHE B 113 -12.32 18.17 -0.13
CA PHE B 113 -12.20 18.93 1.10
C PHE B 113 -13.46 19.77 1.29
N THR B 114 -13.85 19.98 2.55
CA THR B 114 -15.02 20.80 2.92
C THR B 114 -14.57 22.22 2.79
N PRO B 115 -15.41 23.26 2.75
CA PRO B 115 -14.92 24.64 2.51
C PRO B 115 -14.10 25.11 3.72
N GLU B 116 -14.37 24.57 4.91
CA GLU B 116 -13.61 24.93 6.13
C GLU B 116 -12.20 24.36 6.04
N GLU B 117 -12.06 23.15 5.50
CA GLU B 117 -10.76 22.49 5.30
C GLU B 117 -10.03 23.22 4.17
N VAL B 118 -10.75 23.71 3.15
CA VAL B 118 -10.14 24.48 2.03
C VAL B 118 -9.71 25.84 2.59
N ALA B 119 -10.43 26.39 3.55
CA ALA B 119 -10.05 27.66 4.19
C ALA B 119 -8.72 27.42 4.90
N THR B 120 -8.64 26.40 5.73
CA THR B 120 -7.38 26.09 6.41
C THR B 120 -6.24 25.99 5.41
N ILE B 121 -6.44 25.17 4.37
CA ILE B 121 -5.40 24.95 3.37
C ILE B 121 -4.93 26.25 2.77
N MET B 122 -5.86 27.14 2.40
CA MET B 122 -5.49 28.40 1.78
C MET B 122 -5.34 29.54 2.76
N ARG B 123 -5.23 29.24 4.06
CA ARG B 123 -5.13 30.23 5.13
C ARG B 123 -6.10 31.37 4.84
N SER B 124 -7.37 31.00 4.79
CA SER B 124 -8.45 31.95 4.52
C SER B 124 -9.59 31.63 5.48
N ASP B 125 -10.78 32.15 5.18
CA ASP B 125 -11.98 31.80 5.92
C ASP B 125 -13.00 31.21 4.95
N VAL B 126 -13.89 30.38 5.50
CA VAL B 126 -14.90 29.65 4.70
C VAL B 126 -15.62 30.57 3.74
N ASP B 127 -15.83 31.85 4.08
CA ASP B 127 -16.62 32.72 3.21
C ASP B 127 -15.81 33.21 2.01
N GLU B 128 -14.52 33.45 2.20
CA GLU B 128 -13.68 33.78 1.06
C GLU B 128 -13.59 32.59 0.09
N VAL B 129 -13.53 31.37 0.64
CA VAL B 129 -13.45 30.17 -0.21
C VAL B 129 -14.70 30.03 -1.04
N ARG B 130 -15.86 30.25 -0.41
CA ARG B 130 -17.12 30.17 -1.12
C ARG B 130 -17.18 31.19 -2.23
N HIS B 131 -16.71 32.41 -1.98
CA HIS B 131 -16.73 33.40 -3.05
C HIS B 131 -15.75 33.01 -4.15
N LEU B 132 -14.61 32.46 -3.78
CA LEU B 132 -13.60 32.02 -4.77
C LEU B 132 -14.24 30.95 -5.66
N ILE B 133 -15.04 30.05 -5.08
CA ILE B 133 -15.67 28.94 -5.84
C ILE B 133 -16.77 29.54 -6.73
N ASN B 134 -17.49 30.52 -6.21
CA ASN B 134 -18.56 31.19 -7.00
C ASN B 134 -17.92 31.87 -8.20
N ARG B 135 -16.78 32.55 -8.08
CA ARG B 135 -16.07 33.31 -9.13
C ARG B 135 -15.46 32.34 -10.14
N ALA B 136 -15.12 31.13 -9.74
CA ALA B 136 -14.58 30.09 -10.63
C ALA B 136 -15.71 29.63 -11.55
N ARG B 137 -16.89 29.42 -10.98
CA ARG B 137 -18.08 28.97 -11.75
C ARG B 137 -18.54 30.10 -12.65
N SER B 138 -18.44 31.37 -12.23
CA SER B 138 -18.75 32.46 -13.15
C SER B 138 -17.83 32.45 -14.34
N GLU B 139 -16.52 32.52 -14.09
CA GLU B 139 -15.57 32.57 -15.19
C GLU B 139 -15.69 31.34 -16.09
N MET B 140 -16.28 30.25 -15.59
CA MET B 140 -16.59 29.10 -16.46
C MET B 140 -17.66 29.42 -17.50
N GLU B 141 -18.55 30.39 -17.23
CA GLU B 141 -19.49 30.79 -18.27
C GLU B 141 -18.80 31.63 -19.34
N ASP B 142 -17.71 32.30 -18.98
CA ASP B 142 -16.91 33.02 -19.96
C ASP B 142 -16.08 32.10 -20.85
N SER B 143 -16.07 30.79 -20.59
CA SER B 143 -15.31 29.87 -21.42
C SER B 143 -16.05 29.58 -22.71
N VAL B 144 -15.30 29.41 -23.79
CA VAL B 144 -15.89 29.08 -25.09
C VAL B 144 -16.21 27.59 -25.14
N SER B 145 -17.23 27.24 -25.94
CA SER B 145 -17.61 25.85 -26.11
C SER B 145 -16.55 25.08 -26.88
N GLY B 146 -16.25 23.87 -26.41
CA GLY B 146 -15.37 22.97 -27.12
C GLY B 146 -16.10 21.68 -27.45
N ARG B 147 -15.34 20.78 -28.07
CA ARG B 147 -15.84 19.48 -28.50
C ARG B 147 -15.18 18.38 -27.67
N VAL B 148 -16.01 17.51 -27.08
CA VAL B 148 -15.52 16.50 -26.15
C VAL B 148 -15.79 15.13 -26.75
N MET B 149 -14.80 14.26 -26.70
CA MET B 149 -14.93 12.85 -27.14
C MET B 149 -14.98 12.01 -25.87
N ILE B 150 -15.90 11.05 -25.79
CA ILE B 150 -16.07 10.20 -24.57
C ILE B 150 -15.71 8.76 -24.92
N ILE B 151 -14.58 8.25 -24.47
CA ILE B 151 -14.19 6.83 -24.64
C ILE B 151 -14.62 6.14 -23.33
N GLU B 152 -15.61 5.26 -23.38
CA GLU B 152 -16.19 4.63 -22.16
C GLU B 152 -17.10 3.49 -22.60
N ASP B 153 -16.89 2.27 -22.10
CA ASP B 153 -17.72 1.17 -22.56
C ASP B 153 -18.99 0.95 -21.73
N GLU B 154 -19.04 1.38 -20.47
CA GLU B 154 -20.28 1.21 -19.69
C GLU B 154 -21.28 2.25 -20.15
N ALA B 155 -22.34 1.83 -20.83
CA ALA B 155 -23.14 2.80 -21.59
C ALA B 155 -23.84 3.79 -20.66
N ILE B 156 -24.27 3.34 -19.48
CA ILE B 156 -25.00 4.24 -18.60
C ILE B 156 -24.08 5.37 -18.11
N ILE B 157 -22.83 5.03 -17.79
CA ILE B 157 -21.85 6.05 -17.42
C ILE B 157 -21.58 6.98 -18.60
N ALA B 158 -21.41 6.41 -19.80
CA ALA B 158 -21.14 7.25 -20.97
C ALA B 158 -22.27 8.24 -21.20
N LEU B 159 -23.51 7.77 -21.06
CA LEU B 159 -24.67 8.65 -21.18
C LEU B 159 -24.65 9.74 -20.13
N ASP B 160 -24.38 9.35 -18.87
CA ASP B 160 -24.34 10.33 -17.78
C ASP B 160 -23.29 11.40 -18.06
N LEU B 161 -22.07 10.97 -18.46
CA LEU B 161 -21.02 11.92 -18.80
C LEU B 161 -21.47 12.88 -19.89
N GLN B 162 -22.18 12.36 -20.90
CA GLN B 162 -22.67 13.21 -21.97
C GLN B 162 -23.63 14.27 -21.44
N THR B 163 -24.53 13.92 -20.50
CA THR B 163 -25.45 14.92 -19.99
C THR B 163 -24.70 16.03 -19.26
N ILE B 164 -23.62 15.68 -18.54
CA ILE B 164 -22.87 16.72 -17.85
C ILE B 164 -22.16 17.61 -18.87
N VAL B 165 -21.47 17.00 -19.85
CA VAL B 165 -20.78 17.79 -20.87
C VAL B 165 -21.74 18.76 -21.54
N ALA B 166 -22.87 18.25 -22.01
CA ALA B 166 -23.86 19.09 -22.67
C ALA B 166 -24.38 20.18 -21.74
N ASP B 167 -24.62 19.85 -20.49
CA ASP B 167 -25.12 20.86 -19.52
C ASP B 167 -24.08 21.97 -19.35
N MET B 168 -22.78 21.69 -19.48
CA MET B 168 -21.79 22.75 -19.43
C MET B 168 -21.69 23.57 -20.72
N GLY B 169 -22.48 23.28 -21.74
CA GLY B 169 -22.38 24.04 -22.97
C GLY B 169 -21.38 23.52 -23.98
N HIS B 170 -20.78 22.36 -23.75
CA HIS B 170 -19.85 21.79 -24.71
C HIS B 170 -20.60 20.85 -25.63
N ALA B 171 -20.01 20.55 -26.78
CA ALA B 171 -20.60 19.58 -27.72
C ALA B 171 -19.99 18.22 -27.42
N ILE B 172 -20.60 17.13 -27.88
CA ILE B 172 -20.01 15.77 -27.74
C ILE B 172 -19.83 15.22 -29.16
N THR B 173 -18.60 14.97 -29.59
CA THR B 173 -18.30 14.41 -30.93
C THR B 173 -19.01 13.08 -31.00
N GLY B 174 -18.98 12.30 -29.92
CA GLY B 174 -19.65 11.00 -29.85
C GLY B 174 -19.11 10.17 -28.72
N VAL B 175 -19.61 8.95 -28.56
CA VAL B 175 -19.14 8.01 -27.56
C VAL B 175 -18.52 6.83 -28.29
N ALA B 176 -17.30 6.47 -27.90
CA ALA B 176 -16.67 5.26 -28.43
C ALA B 176 -16.48 4.25 -27.30
N ARG B 177 -16.88 3.00 -27.54
CA ARG B 177 -16.83 1.94 -26.55
C ARG B 177 -15.71 0.91 -26.78
N THR B 178 -14.93 1.08 -27.84
CA THR B 178 -13.80 0.19 -28.18
C THR B 178 -12.68 1.05 -28.67
N ARG B 179 -11.47 0.51 -28.76
CA ARG B 179 -10.29 1.26 -29.24
C ARG B 179 -10.48 1.59 -30.71
N ASP B 180 -11.08 0.68 -31.48
CA ASP B 180 -11.26 0.87 -32.95
C ASP B 180 -12.31 1.95 -33.17
N ALA B 181 -13.40 1.91 -32.43
CA ALA B 181 -14.40 2.99 -32.49
C ALA B 181 -13.80 4.33 -32.12
N ALA B 182 -12.88 4.33 -31.14
CA ALA B 182 -12.26 5.58 -30.68
C ALA B 182 -11.32 6.18 -31.72
N VAL B 183 -10.53 5.34 -32.42
CA VAL B 183 -9.64 5.91 -33.42
C VAL B 183 -10.44 6.43 -34.61
N ALA B 184 -11.53 5.74 -34.95
CA ALA B 184 -12.41 6.25 -36.00
C ALA B 184 -13.07 7.56 -35.59
N LEU B 185 -13.64 7.62 -34.38
CA LEU B 185 -14.36 8.82 -33.89
C LEU B 185 -13.42 10.01 -33.96
N ALA B 186 -12.19 9.89 -33.48
CA ALA B 186 -11.29 11.01 -33.47
C ALA B 186 -10.91 11.45 -34.90
N GLY B 187 -10.93 10.52 -35.86
CA GLY B 187 -10.70 10.89 -37.24
C GLY B 187 -11.90 11.57 -37.87
N ILE B 188 -13.13 11.20 -37.44
CA ILE B 188 -14.31 11.86 -37.99
C ILE B 188 -14.37 13.32 -37.57
N GLU B 189 -14.02 13.63 -36.32
CA GLU B 189 -14.05 15.01 -35.81
C GLU B 189 -12.99 15.17 -34.71
N LYS B 190 -12.03 16.07 -34.92
CA LYS B 190 -10.96 16.30 -33.92
C LYS B 190 -11.61 16.80 -32.63
N PRO B 191 -11.32 16.18 -31.47
CA PRO B 191 -11.86 16.65 -30.18
C PRO B 191 -10.96 17.67 -29.53
N ASP B 192 -11.51 18.65 -28.81
CA ASP B 192 -10.68 19.52 -28.01
C ASP B 192 -10.30 18.88 -26.68
N LEU B 193 -11.00 17.83 -26.28
CA LEU B 193 -10.81 17.19 -24.98
C LEU B 193 -11.31 15.77 -25.09
N ILE B 194 -10.59 14.83 -24.48
CA ILE B 194 -10.98 13.43 -24.43
C ILE B 194 -11.23 13.02 -22.98
N LEU B 195 -12.33 12.30 -22.75
CA LEU B 195 -12.65 11.68 -21.44
C LEU B 195 -12.46 10.19 -21.74
N ALA B 196 -11.59 9.46 -21.03
CA ALA B 196 -11.23 8.09 -21.39
C ALA B 196 -11.24 7.17 -20.18
N ASP B 197 -11.89 6.02 -20.36
CA ASP B 197 -11.86 4.86 -19.48
C ASP B 197 -10.68 3.97 -19.89
N ILE B 198 -10.29 3.04 -19.01
CA ILE B 198 -9.12 2.18 -19.30
C ILE B 198 -9.51 0.90 -20.02
N GLN B 199 -10.41 0.11 -19.44
CA GLN B 199 -10.79 -1.16 -20.02
C GLN B 199 -12.07 -0.98 -20.82
N LEU B 200 -12.00 -1.22 -22.12
CA LEU B 200 -13.10 -0.96 -23.03
C LEU B 200 -13.91 -2.24 -23.26
N ALA B 201 -14.91 -2.14 -24.14
CA ALA B 201 -15.94 -3.17 -24.21
C ALA B 201 -15.38 -4.49 -24.70
N ASP B 202 -14.46 -4.43 -25.66
CA ASP B 202 -13.83 -5.60 -26.24
C ASP B 202 -12.56 -5.99 -25.49
N ARG B 203 -12.41 -5.51 -24.25
CA ARG B 203 -11.20 -5.66 -23.45
C ARG B 203 -10.03 -4.87 -24.02
N SER B 204 -10.21 -4.14 -25.11
CA SER B 204 -9.15 -3.26 -25.60
C SER B 204 -8.90 -2.13 -24.59
N SER B 205 -7.84 -1.37 -24.83
CA SER B 205 -7.31 -0.44 -23.85
C SER B 205 -7.58 0.99 -24.27
N GLY B 206 -8.13 1.78 -23.34
CA GLY B 206 -8.35 3.18 -23.63
C GLY B 206 -7.07 4.01 -23.59
N ILE B 207 -6.10 3.59 -22.79
CA ILE B 207 -4.77 4.20 -22.87
C ILE B 207 -4.19 4.03 -24.27
N ASP B 208 -4.24 2.81 -24.82
CA ASP B 208 -3.73 2.59 -26.16
C ASP B 208 -4.48 3.42 -27.18
N ALA B 209 -5.82 3.46 -27.06
CA ALA B 209 -6.62 4.30 -27.96
C ALA B 209 -6.19 5.77 -27.86
N VAL B 210 -5.97 6.26 -26.65
CA VAL B 210 -5.64 7.67 -26.52
C VAL B 210 -4.29 7.96 -27.18
N ASN B 211 -3.29 7.12 -26.89
CA ASN B 211 -1.98 7.34 -27.49
C ASN B 211 -2.04 7.41 -29.01
N GLU B 212 -2.86 6.57 -29.62
CA GLU B 212 -3.00 6.55 -31.10
C GLU B 212 -3.61 7.88 -31.56
N ILE B 213 -4.67 8.36 -30.90
CA ILE B 213 -5.26 9.66 -31.23
C ILE B 213 -4.24 10.77 -31.04
N LEU B 214 -3.45 10.70 -29.97
CA LEU B 214 -2.48 11.76 -29.73
C LEU B 214 -1.44 11.81 -30.84
N ARG B 215 -1.12 10.66 -31.44
CA ARG B 215 -0.15 10.65 -32.53
C ARG B 215 -0.68 11.38 -33.75
N ALA B 216 -1.93 11.12 -34.14
CA ALA B 216 -2.49 11.67 -35.36
C ALA B 216 -2.87 13.14 -35.24
N ARG B 217 -3.29 13.61 -34.07
CA ARG B 217 -3.89 14.93 -33.94
C ARG B 217 -3.12 15.90 -33.05
N GLY B 218 -2.01 15.48 -32.46
CA GLY B 218 -1.27 16.36 -31.57
C GLY B 218 -1.75 16.30 -30.14
N ASP B 219 -1.17 17.16 -29.31
CA ASP B 219 -1.52 17.13 -27.90
C ASP B 219 -2.96 17.58 -27.72
N ILE B 220 -3.77 16.71 -27.14
CA ILE B 220 -5.14 17.01 -26.75
C ILE B 220 -5.23 16.64 -25.29
N PRO B 221 -5.73 17.52 -24.43
CA PRO B 221 -5.89 17.15 -23.02
C PRO B 221 -6.75 15.91 -22.88
N VAL B 222 -6.33 15.00 -22.00
CA VAL B 222 -7.06 13.77 -21.74
C VAL B 222 -7.40 13.66 -20.26
N ILE B 223 -8.64 13.36 -19.95
CA ILE B 223 -9.01 13.06 -18.57
C ILE B 223 -9.33 11.58 -18.51
N PHE B 224 -8.58 10.84 -17.71
CA PHE B 224 -8.85 9.39 -17.52
C PHE B 224 -9.84 9.23 -16.38
N ILE B 225 -10.95 8.55 -16.59
CA ILE B 225 -12.00 8.30 -15.56
C ILE B 225 -11.92 6.83 -15.18
N THR B 226 -11.62 6.52 -13.92
CA THR B 226 -11.40 5.13 -13.49
C THR B 226 -11.55 4.90 -12.02
N ALA B 227 -12.05 3.73 -11.63
CA ALA B 227 -11.95 3.34 -10.23
C ALA B 227 -10.48 3.14 -9.87
N PHE B 228 -10.16 3.21 -8.59
CA PHE B 228 -8.80 3.08 -8.11
C PHE B 228 -7.82 3.99 -8.89
N PRO B 229 -8.08 5.29 -8.91
CA PRO B 229 -7.11 6.21 -9.55
C PRO B 229 -5.73 6.12 -8.91
N GLU B 230 -5.64 5.61 -7.68
CA GLU B 230 -4.36 5.47 -6.95
C GLU B 230 -3.35 4.68 -7.79
N ARG B 231 -3.80 3.76 -8.65
CA ARG B 231 -2.90 2.97 -9.47
C ARG B 231 -2.27 3.78 -10.59
N LEU B 232 -2.78 4.97 -10.90
CA LEU B 232 -2.19 5.89 -11.87
C LEU B 232 -1.58 7.12 -11.22
N LEU B 233 -1.40 7.12 -9.90
CA LEU B 233 -0.89 8.26 -9.14
C LEU B 233 0.37 7.89 -8.36
N THR B 234 1.17 6.96 -8.90
CA THR B 234 2.38 6.53 -8.21
C THR B 234 3.61 7.36 -8.57
N GLY B 235 3.58 8.09 -9.67
CA GLY B 235 4.75 8.81 -10.12
C GLY B 235 5.93 7.92 -10.48
N GLU B 236 5.69 6.61 -10.60
CA GLU B 236 6.73 5.63 -10.90
C GLU B 236 6.77 5.26 -12.38
N ARG B 237 5.91 5.84 -13.19
CA ARG B 237 5.84 5.51 -14.62
C ARG B 237 4.99 6.57 -15.31
N PRO B 238 4.95 6.61 -16.65
CA PRO B 238 4.11 7.60 -17.33
C PRO B 238 2.64 7.45 -16.92
N GLU B 239 2.01 8.57 -16.58
CA GLU B 239 0.67 8.56 -16.01
C GLU B 239 -0.06 9.82 -16.43
N PRO B 240 -1.40 9.80 -16.39
CA PRO B 240 -2.18 10.94 -16.91
C PRO B 240 -2.01 12.18 -16.05
N ALA B 241 -2.20 13.35 -16.67
CA ALA B 241 -2.26 14.58 -15.89
C ALA B 241 -3.63 14.81 -15.24
N PHE B 242 -4.71 14.32 -15.84
CA PHE B 242 -6.06 14.59 -15.33
C PHE B 242 -6.76 13.26 -15.05
N LEU B 243 -7.23 13.10 -13.82
CA LEU B 243 -7.84 11.82 -13.37
C LEU B 243 -9.13 12.08 -12.59
N ILE B 244 -10.25 11.52 -13.06
CA ILE B 244 -11.54 11.59 -12.33
C ILE B 244 -11.78 10.17 -11.82
N SER B 245 -12.42 10.04 -10.66
CA SER B 245 -12.64 8.72 -10.03
C SER B 245 -14.00 8.16 -10.44
N LYS B 246 -14.19 6.85 -10.31
CA LYS B 246 -15.51 6.21 -10.53
C LYS B 246 -15.72 5.46 -9.21
N PRO B 247 -16.78 5.68 -8.42
CA PRO B 247 -17.87 6.62 -8.72
C PRO B 247 -17.41 8.05 -8.60
N TYR B 248 -18.03 8.96 -9.37
CA TYR B 248 -17.75 10.37 -9.31
C TYR B 248 -19.02 11.10 -8.88
N ARG B 249 -18.84 12.36 -8.53
CA ARG B 249 -19.91 13.31 -8.35
C ARG B 249 -19.89 14.27 -9.54
N GLU B 250 -21.04 14.80 -9.93
CA GLU B 250 -21.14 15.70 -11.09
C GLU B 250 -20.18 16.88 -10.90
N ASP B 251 -20.07 17.44 -9.69
CA ASP B 251 -19.21 18.61 -9.52
C ASP B 251 -17.76 18.27 -9.82
N GLN B 252 -17.33 17.03 -9.59
CA GLN B 252 -15.96 16.64 -9.89
C GLN B 252 -15.71 16.55 -11.40
N VAL B 253 -16.68 16.02 -12.14
CA VAL B 253 -16.59 15.92 -13.62
C VAL B 253 -16.54 17.34 -14.19
N ARG B 254 -17.32 18.25 -13.64
CA ARG B 254 -17.40 19.64 -14.14
C ARG B 254 -16.08 20.36 -13.87
N SER B 255 -15.49 20.15 -12.71
CA SER B 255 -14.20 20.78 -12.33
C SER B 255 -13.04 20.24 -13.17
N ALA B 256 -13.06 18.95 -13.52
CA ALA B 256 -12.01 18.30 -14.33
C ALA B 256 -12.15 18.70 -15.79
N ILE B 257 -13.37 18.84 -16.31
CA ILE B 257 -13.59 19.22 -17.75
C ILE B 257 -13.15 20.66 -17.94
N SER B 258 -13.51 21.56 -17.04
CA SER B 258 -13.10 22.99 -17.11
C SER B 258 -11.58 23.10 -16.96
N GLN B 259 -11.02 22.41 -15.98
CA GLN B 259 -9.57 22.45 -15.71
C GLN B 259 -8.85 22.03 -17.00
N ALA B 260 -9.18 20.87 -17.56
CA ALA B 260 -8.45 20.38 -18.73
C ALA B 260 -8.65 21.30 -19.93
N MET B 261 -9.84 21.89 -20.06
CA MET B 261 -10.12 22.75 -21.21
C MET B 261 -9.15 23.93 -21.27
N PHE B 262 -8.62 24.35 -20.11
CA PHE B 262 -7.64 25.44 -20.12
C PHE B 262 -6.37 25.05 -20.87
N PHE B 263 -6.08 23.76 -20.94
CA PHE B 263 -4.85 23.28 -21.56
C PHE B 263 -5.08 22.81 -22.98
N ALA B 264 -6.22 23.15 -23.56
CA ALA B 264 -6.53 22.77 -24.92
C ALA B 264 -5.94 23.80 -25.89
N SER B 265 -5.78 23.37 -27.15
CA SER B 265 -5.23 24.24 -28.19
C SER B 265 -6.04 25.51 -28.40
N ASP C 10 29.48 -26.68 -10.16
CA ASP C 10 30.80 -26.76 -9.48
C ASP C 10 30.67 -26.15 -8.10
N LEU C 11 30.79 -26.95 -7.04
CA LEU C 11 30.59 -26.49 -5.65
C LEU C 11 31.60 -25.38 -5.28
N SER C 12 32.79 -25.31 -5.86
CA SER C 12 33.74 -24.25 -5.54
C SER C 12 33.20 -22.89 -5.96
N ALA C 13 32.63 -22.81 -7.15
CA ALA C 13 32.06 -21.55 -7.58
C ALA C 13 30.81 -21.21 -6.78
N GLN C 14 30.02 -22.23 -6.42
CA GLN C 14 28.83 -21.98 -5.62
C GLN C 14 29.21 -21.42 -4.25
N ILE C 15 30.28 -21.93 -3.66
CA ILE C 15 30.74 -21.42 -2.38
C ILE C 15 31.22 -19.98 -2.54
N ALA C 16 32.04 -19.74 -3.56
CA ALA C 16 32.56 -18.40 -3.82
C ALA C 16 31.45 -17.36 -3.91
N ALA C 17 30.33 -17.72 -4.57
CA ALA C 17 29.24 -16.76 -4.77
C ALA C 17 28.51 -16.44 -3.47
N GLU C 18 28.66 -17.26 -2.44
CA GLU C 18 28.02 -16.98 -1.17
C GLU C 18 28.91 -16.18 -0.21
N LEU C 19 30.21 -16.08 -0.47
CA LEU C 19 31.11 -15.33 0.41
C LEU C 19 30.64 -13.92 0.73
N PRO C 20 30.13 -13.12 -0.21
CA PRO C 20 29.75 -11.74 0.14
C PRO C 20 28.70 -11.66 1.24
N TYR C 21 27.72 -12.57 1.23
CA TYR C 21 26.68 -12.55 2.24
C TYR C 21 27.21 -12.98 3.60
N LEU C 22 28.21 -13.87 3.63
CA LEU C 22 28.83 -14.21 4.90
C LEU C 22 29.54 -13.00 5.47
N ARG C 23 30.15 -12.21 4.59
CA ARG C 23 30.83 -10.96 5.02
C ARG C 23 29.75 -10.01 5.58
N ARG C 24 28.58 -9.90 4.98
CA ARG C 24 27.52 -9.06 5.51
C ARG C 24 27.12 -9.48 6.91
N TYR C 25 26.87 -10.77 7.08
CA TYR C 25 26.48 -11.31 8.38
C TYR C 25 27.56 -11.05 9.43
N ALA C 26 28.82 -11.41 9.13
CA ALA C 26 29.85 -11.30 10.15
C ALA C 26 30.20 -9.85 10.46
N ARG C 27 30.09 -8.98 9.46
CA ARG C 27 30.33 -7.56 9.69
C ARG C 27 29.28 -6.95 10.63
N ALA C 28 28.02 -7.36 10.45
CA ALA C 28 26.97 -6.82 11.31
C ALA C 28 27.11 -7.35 12.74
N LEU C 29 27.50 -8.60 12.89
CA LEU C 29 27.70 -9.18 14.22
C LEU C 29 28.83 -8.49 14.96
N THR C 30 29.90 -8.09 14.24
CA THR C 30 31.07 -7.51 14.88
C THR C 30 31.07 -6.00 14.87
N GLY C 31 30.27 -5.38 14.02
CA GLY C 31 30.28 -3.95 13.85
C GLY C 31 31.46 -3.40 13.08
N SER C 32 32.18 -4.23 12.35
CA SER C 32 33.42 -3.78 11.72
C SER C 32 33.72 -4.54 10.44
N GLN C 33 34.14 -3.82 9.40
CA GLN C 33 34.50 -4.50 8.16
C GLN C 33 35.67 -5.43 8.39
N SER C 34 36.72 -4.94 9.04
CA SER C 34 37.93 -5.73 9.18
C SER C 34 37.64 -7.07 9.83
N SER C 35 36.88 -7.06 10.94
CA SER C 35 36.60 -8.31 11.65
C SER C 35 35.66 -9.21 10.87
N GLY C 36 34.59 -8.64 10.30
CA GLY C 36 33.65 -9.44 9.55
C GLY C 36 34.31 -10.10 8.35
N ASP C 37 35.16 -9.36 7.64
CA ASP C 37 35.82 -9.98 6.50
C ASP C 37 36.79 -11.06 6.94
N ALA C 38 37.46 -10.87 8.08
CA ALA C 38 38.39 -11.90 8.53
C ALA C 38 37.63 -13.17 8.91
N TYR C 39 36.49 -13.01 9.58
CA TYR C 39 35.66 -14.15 10.01
C TYR C 39 35.14 -14.87 8.78
N ALA C 40 34.75 -14.14 7.74
CA ALA C 40 34.26 -14.80 6.52
C ALA C 40 35.36 -15.60 5.84
N LEU C 41 36.56 -15.01 5.70
CA LEU C 41 37.70 -15.77 5.17
C LEU C 41 38.05 -16.96 6.05
N ALA C 42 38.08 -16.77 7.37
CA ALA C 42 38.38 -17.89 8.26
C ALA C 42 37.45 -19.06 8.00
N THR C 43 36.20 -18.78 7.61
CA THR C 43 35.21 -19.82 7.36
C THR C 43 35.52 -20.60 6.09
N LEU C 44 35.91 -19.90 5.04
CA LEU C 44 36.34 -20.61 3.84
C LEU C 44 37.63 -21.37 4.10
N GLU C 45 38.57 -20.75 4.81
CA GLU C 45 39.82 -21.44 5.14
C GLU C 45 39.55 -22.71 5.93
N ALA C 46 38.57 -22.69 6.83
CA ALA C 46 38.29 -23.86 7.64
C ALA C 46 37.78 -25.00 6.78
N ILE C 47 36.97 -24.69 5.78
CA ILE C 47 36.40 -25.71 4.93
C ILE C 47 37.47 -26.30 4.03
N LEU C 48 38.44 -25.49 3.59
CA LEU C 48 39.52 -26.03 2.79
C LEU C 48 40.44 -26.90 3.63
N ASP C 49 40.77 -26.44 4.84
CA ASP C 49 41.63 -27.21 5.74
C ASP C 49 40.96 -28.51 6.18
N GLU C 50 39.63 -28.50 6.38
CA GLU C 50 38.91 -29.60 7.01
C GLU C 50 37.61 -29.84 6.25
N PRO C 51 37.70 -30.44 5.07
CA PRO C 51 36.50 -30.57 4.22
C PRO C 51 35.34 -31.27 4.91
N ALA C 52 35.61 -32.05 5.95
CA ALA C 52 34.55 -32.68 6.73
C ALA C 52 33.56 -31.65 7.28
N LEU C 53 34.03 -30.46 7.63
CA LEU C 53 33.14 -29.44 8.17
C LEU C 53 31.98 -29.10 7.23
N PHE C 54 32.15 -29.29 5.92
CA PHE C 54 31.18 -28.81 4.94
C PHE C 54 30.12 -29.87 4.66
N GLU C 55 28.88 -29.60 5.03
CA GLU C 55 27.76 -30.55 4.82
C GLU C 55 27.27 -30.41 3.39
N THR C 56 27.18 -31.50 2.64
CA THR C 56 26.78 -31.49 1.22
C THR C 56 25.31 -31.78 1.08
N GLY C 57 24.64 -32.11 2.18
CA GLY C 57 23.20 -32.45 2.17
C GLY C 57 22.31 -31.23 2.25
N THR C 58 22.89 -30.03 2.40
CA THR C 58 22.15 -28.77 2.51
C THR C 58 22.59 -27.86 1.40
N THR C 59 21.89 -26.75 1.20
CA THR C 59 22.32 -25.76 0.24
C THR C 59 23.73 -25.24 0.58
N PRO C 60 24.56 -24.87 -0.40
CA PRO C 60 25.95 -24.42 -0.15
C PRO C 60 25.95 -23.14 0.68
N ARG C 61 24.93 -22.31 0.56
CA ARG C 61 24.83 -21.09 1.40
C ARG C 61 24.58 -21.55 2.82
N VAL C 62 23.63 -22.45 3.03
CA VAL C 62 23.29 -22.95 4.39
C VAL C 62 24.58 -23.55 4.97
N ALA C 63 25.22 -24.49 4.30
CA ALA C 63 26.40 -25.19 4.82
C ALA C 63 27.51 -24.22 5.18
N LEU C 64 27.70 -23.16 4.38
CA LEU C 64 28.74 -22.18 4.69
C LEU C 64 28.42 -21.43 5.97
N PHE C 65 27.17 -20.98 6.14
CA PHE C 65 26.82 -20.28 7.38
C PHE C 65 26.90 -21.21 8.58
N THR C 66 26.66 -22.50 8.37
CA THR C 66 26.78 -23.47 9.46
C THR C 66 28.21 -23.51 9.97
N VAL C 67 29.19 -23.57 9.06
CA VAL C 67 30.62 -23.62 9.45
C VAL C 67 30.97 -22.30 10.17
N PHE C 68 30.44 -21.16 9.74
CA PHE C 68 30.79 -19.86 10.36
C PHE C 68 30.29 -19.85 11.80
N HIS C 69 29.07 -20.31 12.05
CA HIS C 69 28.48 -20.32 13.41
C HIS C 69 29.37 -21.18 14.28
N THR C 70 29.79 -22.35 13.81
CA THR C 70 30.75 -23.17 14.55
C THR C 70 31.99 -22.37 14.94
N ILE C 71 32.54 -21.58 14.02
CA ILE C 71 33.74 -20.80 14.30
C ILE C 71 33.42 -19.62 15.20
N TRP C 72 32.24 -19.02 15.03
CA TRP C 72 31.82 -17.84 15.82
C TRP C 72 31.83 -18.19 17.29
N ASN C 73 31.61 -19.47 17.66
CA ASN C 73 31.49 -19.86 19.06
C ASN C 73 32.78 -20.36 19.69
N SER C 74 33.87 -20.41 18.95
CA SER C 74 35.15 -20.88 19.47
C SER C 74 35.92 -19.74 20.13
N LEU C 86 33.14 -1.83 21.91
CA LEU C 86 34.16 -0.96 22.54
C LEU C 86 33.44 -0.03 23.51
N ALA C 87 34.16 0.78 24.29
CA ALA C 87 33.58 1.68 25.32
C ALA C 87 32.97 0.80 26.40
N ARG C 88 33.37 0.98 27.65
CA ARG C 88 32.92 0.06 28.72
C ARG C 88 31.43 0.21 28.95
N ALA C 89 30.87 1.41 28.80
CA ALA C 89 29.43 1.66 29.03
C ALA C 89 28.62 0.97 27.93
N ALA C 90 29.17 0.89 26.72
CA ALA C 90 28.50 0.20 25.60
C ALA C 90 28.59 -1.31 25.80
N GLN C 91 29.69 -1.79 26.36
CA GLN C 91 29.89 -3.23 26.62
C GLN C 91 29.01 -3.66 27.79
N ARG C 92 28.66 -2.72 28.67
CA ARG C 92 27.84 -3.01 29.87
C ARG C 92 26.41 -3.33 29.42
N HIS C 93 25.90 -2.64 28.39
CA HIS C 93 24.57 -2.96 27.90
C HIS C 93 24.60 -4.19 27.00
N LEU C 94 25.58 -4.29 26.11
CA LEU C 94 25.64 -5.44 25.22
C LEU C 94 25.77 -6.75 26.01
N ALA C 95 26.35 -6.69 27.22
CA ALA C 95 26.48 -7.90 28.04
C ALA C 95 25.16 -8.38 28.60
N ARG C 96 24.16 -7.51 28.69
CA ARG C 96 22.84 -7.88 29.17
C ARG C 96 22.01 -8.62 28.12
N LEU C 97 22.50 -8.73 26.89
CA LEU C 97 21.76 -9.40 25.80
C LEU C 97 21.93 -10.91 25.98
N THR C 98 20.89 -11.69 25.70
CA THR C 98 20.92 -13.15 25.87
C THR C 98 21.74 -13.73 24.75
N PRO C 99 22.56 -14.77 24.97
CA PRO C 99 23.45 -15.32 23.93
C PRO C 99 22.66 -15.92 22.77
N ASN C 100 23.18 -15.88 21.55
CA ASN C 100 22.63 -16.47 20.36
C ASN C 100 21.36 -15.80 19.90
N THR C 101 20.93 -14.70 20.52
CA THR C 101 19.65 -14.04 20.19
C THR C 101 19.86 -13.12 19.01
N ARG C 102 20.90 -12.29 19.01
CA ARG C 102 21.19 -11.42 17.88
C ARG C 102 21.49 -12.23 16.62
N GLU C 103 22.16 -13.38 16.77
CA GLU C 103 22.51 -14.17 15.59
C GLU C 103 21.25 -14.72 14.92
N ALA C 104 20.36 -15.33 15.70
CA ALA C 104 19.12 -15.92 15.14
C ALA C 104 18.31 -14.83 14.46
N LEU C 105 18.28 -13.62 15.04
CA LEU C 105 17.50 -12.53 14.46
C LEU C 105 18.07 -12.09 13.11
N LEU C 106 19.37 -11.86 13.06
CA LEU C 106 20.01 -11.34 11.83
C LEU C 106 19.93 -12.43 10.75
N LEU C 107 20.12 -13.68 11.13
CA LEU C 107 20.04 -14.80 10.16
C LEU C 107 18.62 -14.86 9.59
N SER C 108 17.60 -14.57 10.37
CA SER C 108 16.19 -14.67 9.94
C SER C 108 15.72 -13.43 9.18
N THR C 109 16.32 -12.27 9.42
CA THR C 109 15.86 -10.99 8.82
C THR C 109 16.74 -10.58 7.67
N ILE C 110 17.94 -10.09 7.93
CA ILE C 110 18.83 -9.55 6.87
C ILE C 110 19.31 -10.69 5.96
N GLU C 111 19.55 -11.88 6.50
CA GLU C 111 20.11 -13.00 5.71
C GLU C 111 18.97 -13.79 5.06
N ASP C 112 17.71 -13.45 5.32
CA ASP C 112 16.55 -14.08 4.66
C ASP C 112 16.61 -15.59 4.74
N PHE C 113 17.11 -16.10 5.86
CA PHE C 113 17.06 -17.54 6.11
C PHE C 113 15.73 -17.87 6.75
N THR C 114 15.20 -19.04 6.38
CA THR C 114 13.97 -19.54 6.98
C THR C 114 14.26 -20.14 8.35
N PRO C 115 13.24 -20.18 9.22
CA PRO C 115 13.44 -20.76 10.56
C PRO C 115 14.16 -22.08 10.58
N GLU C 116 13.78 -22.98 9.69
CA GLU C 116 14.41 -24.31 9.62
C GLU C 116 15.84 -24.13 9.12
N GLU C 117 16.08 -23.19 8.19
CA GLU C 117 17.43 -22.90 7.71
C GLU C 117 18.30 -22.41 8.86
N VAL C 118 17.78 -21.50 9.68
CA VAL C 118 18.52 -21.00 10.83
C VAL C 118 18.79 -22.10 11.84
N ALA C 119 17.81 -22.98 12.05
CA ALA C 119 17.98 -24.09 12.98
C ALA C 119 19.14 -25.00 12.54
N THR C 120 19.26 -25.25 11.24
CA THR C 120 20.40 -26.01 10.74
C THR C 120 21.69 -25.24 10.97
N ILE C 121 21.70 -23.94 10.65
CA ILE C 121 22.93 -23.17 10.77
C ILE C 121 23.43 -23.16 12.21
N MET C 122 22.52 -23.02 13.17
CA MET C 122 22.91 -22.96 14.56
C MET C 122 22.91 -24.33 15.21
N ARG C 123 22.76 -25.39 14.42
CA ARG C 123 22.71 -26.74 14.98
C ARG C 123 21.70 -26.82 16.12
N SER C 124 20.57 -26.14 15.94
CA SER C 124 19.52 -26.09 16.94
C SER C 124 18.23 -26.64 16.36
N ASP C 125 17.11 -26.44 17.07
CA ASP C 125 15.76 -26.85 16.59
C ASP C 125 15.04 -25.57 16.19
N VAL C 126 14.10 -25.64 15.27
CA VAL C 126 13.31 -24.45 14.87
C VAL C 126 12.59 -23.95 16.12
N ASP C 127 12.31 -24.84 17.07
CA ASP C 127 11.71 -24.44 18.38
C ASP C 127 12.64 -23.42 19.03
N GLU C 128 13.90 -23.78 19.31
CA GLU C 128 14.87 -22.88 19.94
C GLU C 128 15.09 -21.62 19.12
N VAL C 129 15.02 -21.71 17.79
CA VAL C 129 15.24 -20.54 16.95
C VAL C 129 14.19 -19.47 17.23
N ARG C 130 12.95 -19.87 17.51
CA ARG C 130 11.92 -18.89 17.82
C ARG C 130 12.03 -18.40 19.26
N HIS C 131 12.29 -19.31 20.21
CA HIS C 131 12.63 -18.87 21.55
C HIS C 131 13.67 -17.76 21.50
N LEU C 132 14.75 -17.98 20.74
CA LEU C 132 15.81 -16.98 20.61
C LEU C 132 15.32 -15.73 19.92
N ILE C 133 14.60 -15.89 18.80
CA ILE C 133 14.18 -14.73 18.04
C ILE C 133 13.23 -13.88 18.87
N ASN C 134 12.37 -14.51 19.68
CA ASN C 134 11.45 -13.76 20.51
C ASN C 134 12.19 -13.04 21.62
N ARG C 135 13.07 -13.75 22.32
CA ARG C 135 13.85 -13.09 23.36
C ARG C 135 14.58 -11.87 22.80
N ALA C 136 15.14 -11.99 21.58
CA ALA C 136 15.82 -10.85 20.97
C ALA C 136 14.86 -9.71 20.68
N ARG C 137 13.69 -10.01 20.14
CA ARG C 137 12.69 -8.97 19.88
C ARG C 137 12.21 -8.32 21.18
N SER C 138 12.19 -9.08 22.28
CA SER C 138 11.77 -8.51 23.55
C SER C 138 12.87 -7.63 24.16
N GLU C 139 14.14 -8.05 24.01
CA GLU C 139 15.27 -7.29 24.56
C GLU C 139 15.46 -5.98 23.78
N MET C 140 14.88 -5.85 22.59
CA MET C 140 14.94 -4.62 21.78
C MET C 140 14.08 -3.53 22.42
N GLU C 141 13.08 -3.92 23.20
CA GLU C 141 12.16 -2.96 23.87
C GLU C 141 12.93 -2.30 25.02
N ASP C 142 13.98 -2.94 25.53
CA ASP C 142 14.81 -2.38 26.60
C ASP C 142 15.92 -1.48 26.05
N SER C 143 15.76 -1.02 24.79
CA SER C 143 16.74 -0.14 24.14
C SER C 143 16.47 1.32 24.50
N VAL C 144 17.48 2.17 24.41
CA VAL C 144 17.36 3.60 24.67
C VAL C 144 17.10 4.33 23.37
N SER C 145 16.18 5.30 23.42
CA SER C 145 15.92 6.13 22.27
C SER C 145 17.21 6.82 21.81
N GLY C 146 17.41 7.01 20.50
CA GLY C 146 18.66 7.58 19.96
C GLY C 146 18.39 8.51 18.81
N ARG C 147 19.29 9.43 18.53
CA ARG C 147 19.15 10.35 17.39
C ARG C 147 19.53 9.59 16.11
N VAL C 148 18.81 9.80 14.99
CA VAL C 148 19.08 9.06 13.72
C VAL C 148 18.98 10.01 12.52
N MET C 149 20.10 10.41 11.90
CA MET C 149 20.06 11.23 10.68
C MET C 149 19.78 10.28 9.53
N ILE C 150 18.92 10.64 8.58
CA ILE C 150 18.60 9.79 7.39
C ILE C 150 19.09 10.54 6.14
N ILE C 151 20.06 10.03 5.40
CA ILE C 151 20.56 10.67 4.15
C ILE C 151 19.98 9.92 2.93
N GLU C 152 18.70 10.11 2.60
CA GLU C 152 18.05 9.45 1.47
C GLU C 152 17.53 10.52 0.52
N ASP C 153 17.83 10.38 -0.76
CA ASP C 153 17.43 11.39 -1.74
C ASP C 153 16.04 11.17 -2.30
N GLU C 154 15.43 10.01 -2.05
CA GLU C 154 14.05 9.68 -2.50
C GLU C 154 13.14 9.93 -1.32
N ALA C 155 12.36 11.01 -1.35
CA ALA C 155 11.60 11.41 -0.17
C ALA C 155 10.67 10.31 0.31
N ILE C 156 10.09 9.54 -0.62
CA ILE C 156 9.15 8.45 -0.24
C ILE C 156 9.87 7.45 0.66
N ILE C 157 11.12 7.11 0.34
CA ILE C 157 11.91 6.12 1.11
C ILE C 157 12.26 6.75 2.46
N ALA C 158 12.66 8.02 2.51
CA ALA C 158 13.00 8.73 3.75
C ALA C 158 11.83 8.70 4.73
N LEU C 159 10.62 8.92 4.22
CA LEU C 159 9.38 8.98 5.05
C LEU C 159 9.22 7.61 5.68
N ASP C 160 9.37 6.53 4.92
CA ASP C 160 9.15 5.14 5.40
C ASP C 160 10.20 4.77 6.44
N LEU C 161 11.44 5.22 6.25
CA LEU C 161 12.53 4.94 7.21
C LEU C 161 12.26 5.74 8.48
N GLN C 162 11.73 6.95 8.40
CA GLN C 162 11.32 7.78 9.56
C GLN C 162 10.18 7.07 10.29
N THR C 163 9.31 6.36 9.59
CA THR C 163 8.25 5.58 10.23
C THR C 163 8.82 4.48 11.10
N ILE C 164 9.76 3.70 10.56
CA ILE C 164 10.32 2.52 11.30
C ILE C 164 11.15 3.03 12.47
N VAL C 165 11.92 4.09 12.27
CA VAL C 165 12.84 4.63 13.31
C VAL C 165 11.97 5.14 14.47
N ALA C 166 10.90 5.86 14.17
CA ALA C 166 10.01 6.45 15.19
C ALA C 166 9.29 5.35 15.96
N ASP C 167 8.86 4.30 15.26
CA ASP C 167 8.12 3.19 15.92
C ASP C 167 9.09 2.44 16.83
N MET C 168 10.36 2.36 16.43
CA MET C 168 11.37 1.63 17.23
C MET C 168 11.61 2.40 18.53
N GLY C 169 11.35 3.70 18.52
CA GLY C 169 11.47 4.55 19.72
C GLY C 169 12.55 5.58 19.56
N HIS C 170 13.13 5.75 18.37
CA HIS C 170 14.27 6.68 18.15
C HIS C 170 13.79 7.98 17.52
N ALA C 171 14.52 9.09 17.70
CA ALA C 171 14.20 10.38 17.07
C ALA C 171 14.89 10.46 15.73
N ILE C 172 14.52 11.42 14.89
CA ILE C 172 15.19 11.65 13.58
C ILE C 172 15.77 13.06 13.63
N THR C 173 17.09 13.18 13.62
CA THR C 173 17.79 14.48 13.72
C THR C 173 17.46 15.26 12.49
N GLY C 174 17.19 14.60 11.37
CA GLY C 174 16.98 15.32 10.13
C GLY C 174 16.98 14.35 8.98
N VAL C 175 16.54 14.85 7.85
CA VAL C 175 16.50 14.08 6.62
C VAL C 175 17.22 14.93 5.60
N ALA C 176 18.37 14.46 5.12
CA ALA C 176 19.13 15.15 4.10
C ALA C 176 19.09 14.38 2.79
N ARG C 177 19.17 15.11 1.66
CA ARG C 177 19.01 14.52 0.31
C ARG C 177 20.21 14.79 -0.59
N THR C 178 21.23 15.52 -0.13
CA THR C 178 22.45 15.80 -0.91
C THR C 178 23.64 15.76 0.03
N ARG C 179 24.84 15.61 -0.51
CA ARG C 179 26.08 15.53 0.30
C ARG C 179 26.23 16.81 1.13
N ASP C 180 26.20 18.00 0.52
CA ASP C 180 26.35 19.27 1.22
C ASP C 180 25.28 19.47 2.28
N ALA C 181 24.06 18.99 2.02
CA ALA C 181 22.94 19.18 2.97
C ALA C 181 23.09 18.27 4.17
N ALA C 182 23.69 17.09 3.99
CA ALA C 182 23.85 16.12 5.08
C ALA C 182 25.00 16.58 5.95
N VAL C 183 25.99 17.21 5.34
CA VAL C 183 27.17 17.72 6.08
C VAL C 183 26.68 18.93 6.90
N ALA C 184 25.83 19.77 6.31
CA ALA C 184 25.24 20.90 7.03
C ALA C 184 24.39 20.43 8.21
N LEU C 185 23.55 19.42 7.98
CA LEU C 185 22.62 18.96 9.04
C LEU C 185 23.41 18.30 10.16
N ALA C 186 24.56 17.68 9.85
CA ALA C 186 25.41 17.11 10.89
C ALA C 186 25.97 18.20 11.81
N GLY C 187 26.15 19.41 11.28
CA GLY C 187 26.60 20.53 12.09
C GLY C 187 25.54 21.05 13.05
N ILE C 188 24.27 20.77 12.80
CA ILE C 188 23.19 21.23 13.67
C ILE C 188 22.94 20.25 14.80
N GLU C 189 23.03 18.96 14.53
CA GLU C 189 22.78 17.95 15.56
C GLU C 189 23.61 16.72 15.22
N LYS C 190 24.59 16.42 16.07
CA LYS C 190 25.40 15.23 15.87
C LYS C 190 24.51 14.01 16.03
N PRO C 191 24.24 13.25 14.98
CA PRO C 191 23.46 12.03 15.13
C PRO C 191 24.25 10.95 15.87
N ASP C 192 23.51 10.02 16.48
CA ASP C 192 24.11 8.81 17.03
C ASP C 192 24.14 7.66 16.05
N LEU C 193 23.37 7.75 14.96
CA LEU C 193 23.33 6.72 13.94
C LEU C 193 22.93 7.40 12.64
N ILE C 194 23.59 7.04 11.54
CA ILE C 194 23.29 7.61 10.19
C ILE C 194 22.84 6.50 9.25
N LEU C 195 21.65 6.61 8.66
CA LEU C 195 21.18 5.68 7.61
C LEU C 195 21.53 6.42 6.33
N ALA C 196 22.35 5.85 5.44
CA ALA C 196 22.88 6.60 4.27
C ALA C 196 22.76 5.85 2.95
N ASP C 197 22.01 6.39 1.98
CA ASP C 197 21.86 5.83 0.65
C ASP C 197 23.13 6.16 -0.14
N ILE C 198 23.42 5.33 -1.14
CA ILE C 198 24.71 5.44 -1.82
C ILE C 198 24.69 6.59 -2.84
N GLN C 199 23.64 6.69 -3.64
CA GLN C 199 23.55 7.67 -4.72
C GLN C 199 22.46 8.68 -4.40
N LEU C 200 22.84 9.95 -4.28
CA LEU C 200 21.94 10.99 -3.82
C LEU C 200 21.41 11.83 -5.00
N ALA C 201 20.57 12.83 -4.67
CA ALA C 201 19.85 13.66 -5.68
C ALA C 201 20.77 14.41 -6.62
N ASP C 202 21.80 15.07 -6.08
CA ASP C 202 22.74 15.88 -6.90
C ASP C 202 23.84 14.98 -7.49
N ARG C 203 23.61 13.67 -7.61
CA ARG C 203 24.59 12.70 -8.16
C ARG C 203 25.77 12.62 -7.19
N SER C 204 25.63 13.16 -5.99
CA SER C 204 26.70 13.11 -4.97
C SER C 204 26.65 11.70 -4.39
N SER C 205 27.59 11.34 -3.54
CA SER C 205 27.61 10.03 -2.91
C SER C 205 27.41 10.16 -1.41
N GLY C 206 26.57 9.28 -0.86
CA GLY C 206 26.46 9.17 0.59
C GLY C 206 27.73 8.69 1.24
N ILE C 207 28.57 7.97 0.51
CA ILE C 207 29.87 7.55 1.03
C ILE C 207 30.74 8.76 1.33
N ASP C 208 30.80 9.72 0.41
CA ASP C 208 31.62 10.92 0.65
C ASP C 208 31.04 11.78 1.76
N ALA C 209 29.71 11.97 1.75
CA ALA C 209 29.03 12.65 2.84
C ALA C 209 29.36 12.01 4.18
N VAL C 210 29.20 10.69 4.27
CA VAL C 210 29.46 10.01 5.54
C VAL C 210 30.91 10.23 5.97
N ASN C 211 31.85 10.09 5.04
CA ASN C 211 33.27 10.27 5.36
C ASN C 211 33.56 11.69 5.84
N GLU C 212 32.97 12.70 5.18
CA GLU C 212 33.20 14.07 5.62
C GLU C 212 32.58 14.32 6.99
N ILE C 213 31.38 13.76 7.25
CA ILE C 213 30.76 13.92 8.56
C ILE C 213 31.60 13.27 9.66
N LEU C 214 31.97 12.01 9.44
CA LEU C 214 32.79 11.30 10.43
C LEU C 214 34.12 12.00 10.67
N ARG C 215 34.72 12.53 9.61
CA ARG C 215 35.97 13.26 9.77
C ARG C 215 35.80 14.44 10.72
N ALA C 216 34.60 15.02 10.76
CA ALA C 216 34.35 16.23 11.54
C ALA C 216 33.84 15.92 12.94
N ARG C 217 32.75 15.17 13.04
CA ARG C 217 32.11 14.91 14.32
C ARG C 217 32.59 13.63 14.99
N GLY C 218 33.62 12.98 14.45
CA GLY C 218 34.05 11.71 15.02
C GLY C 218 33.28 10.51 14.50
N ASP C 219 33.67 9.36 15.01
CA ASP C 219 33.13 8.10 14.52
C ASP C 219 31.68 7.91 14.96
N ILE C 220 30.83 7.50 14.02
CA ILE C 220 29.41 7.25 14.27
C ILE C 220 29.03 6.01 13.47
N PRO C 221 28.23 5.09 14.02
CA PRO C 221 27.78 3.93 13.24
C PRO C 221 26.97 4.35 12.03
N VAL C 222 27.19 3.68 10.89
CA VAL C 222 26.51 4.03 9.66
C VAL C 222 25.91 2.76 9.07
N ILE C 223 24.63 2.82 8.71
CA ILE C 223 23.96 1.71 7.98
C ILE C 223 23.73 2.25 6.55
N PHE C 224 24.40 1.67 5.56
CA PHE C 224 24.29 2.11 4.15
C PHE C 224 23.13 1.41 3.47
N ILE C 225 22.19 2.13 2.88
CA ILE C 225 21.02 1.55 2.16
C ILE C 225 21.42 1.46 0.68
N THR C 226 21.25 0.33 0.00
CA THR C 226 21.77 0.17 -1.36
C THR C 226 21.14 -0.91 -2.17
N ALA C 227 20.77 -0.62 -3.41
CA ALA C 227 20.42 -1.68 -4.35
C ALA C 227 21.82 -2.10 -4.83
N PHE C 228 22.14 -3.37 -4.99
CA PHE C 228 23.51 -3.83 -5.34
C PHE C 228 24.37 -3.90 -4.05
N PRO C 229 23.95 -4.66 -3.03
CA PRO C 229 24.76 -4.85 -1.79
C PRO C 229 26.03 -5.64 -2.08
N GLU C 230 26.05 -6.52 -3.09
CA GLU C 230 27.20 -7.39 -3.35
C GLU C 230 28.43 -6.58 -3.77
N ARG C 231 28.26 -5.48 -4.49
CA ARG C 231 29.45 -4.74 -4.86
C ARG C 231 30.04 -3.97 -3.68
N LEU C 232 29.36 -3.96 -2.53
CA LEU C 232 29.90 -3.42 -1.30
C LEU C 232 30.39 -4.52 -0.35
N LEU C 233 30.50 -5.76 -0.82
CA LEU C 233 30.84 -6.92 -0.02
C LEU C 233 31.97 -7.71 -0.67
N THR C 234 32.90 -7.01 -1.31
CA THR C 234 34.02 -7.65 -1.97
C THR C 234 35.18 -7.95 -1.03
N GLY C 235 35.29 -7.20 0.05
CA GLY C 235 36.46 -7.31 0.91
C GLY C 235 37.74 -6.75 0.34
N GLU C 236 37.71 -6.12 -0.85
CA GLU C 236 38.94 -5.63 -1.47
C GLU C 236 39.22 -4.16 -1.22
N ARG C 237 38.24 -3.40 -0.74
CA ARG C 237 38.44 -2.00 -0.42
C ARG C 237 37.57 -1.65 0.78
N PRO C 238 37.81 -0.51 1.42
CA PRO C 238 36.99 -0.12 2.57
C PRO C 238 35.51 -0.09 2.20
N GLU C 239 34.70 -0.74 3.02
CA GLU C 239 33.29 -1.01 2.71
C GLU C 239 32.49 -0.92 4.00
N PRO C 240 31.17 -0.79 3.90
CA PRO C 240 30.33 -0.60 5.09
C PRO C 240 30.36 -1.77 6.07
N ALA C 241 30.20 -1.46 7.35
CA ALA C 241 29.99 -2.52 8.32
C ALA C 241 28.53 -3.02 8.35
N PHE C 242 27.56 -2.14 8.10
CA PHE C 242 26.14 -2.49 8.09
C PHE C 242 25.54 -2.05 6.77
N LEU C 243 24.78 -2.95 6.14
CA LEU C 243 24.19 -2.71 4.81
C LEU C 243 22.75 -3.23 4.76
N ILE C 244 21.80 -2.36 4.42
CA ILE C 244 20.38 -2.75 4.19
C ILE C 244 20.23 -2.78 2.67
N SER C 245 19.52 -3.76 2.12
CA SER C 245 19.40 -3.91 0.65
C SER C 245 18.07 -3.35 0.17
N LYS C 246 18.05 -2.55 -0.91
CA LYS C 246 16.84 -2.06 -1.53
C LYS C 246 16.41 -3.02 -2.61
N PRO C 247 15.19 -3.54 -2.58
CA PRO C 247 14.09 -3.24 -1.64
C PRO C 247 14.27 -3.95 -0.30
N TYR C 248 13.64 -3.41 0.75
CA TYR C 248 13.81 -3.97 2.11
C TYR C 248 12.52 -4.31 2.76
N ARG C 249 12.58 -5.20 3.74
CA ARG C 249 11.46 -5.52 4.61
C ARG C 249 11.65 -4.78 5.92
N GLU C 250 10.57 -4.46 6.61
CA GLU C 250 10.67 -3.67 7.86
C GLU C 250 11.52 -4.46 8.86
N ASP C 251 11.33 -5.78 8.96
CA ASP C 251 12.14 -6.55 9.90
C ASP C 251 13.63 -6.39 9.60
N GLN C 252 14.01 -6.18 8.33
CA GLN C 252 15.43 -6.03 8.01
C GLN C 252 15.97 -4.70 8.50
N VAL C 253 15.20 -3.62 8.28
CA VAL C 253 15.61 -2.26 8.71
C VAL C 253 15.62 -2.23 10.25
N ARG C 254 14.80 -3.05 10.90
CA ARG C 254 14.69 -3.02 12.38
C ARG C 254 15.84 -3.82 12.99
N SER C 255 16.28 -4.88 12.31
CA SER C 255 17.40 -5.72 12.78
C SER C 255 18.71 -4.96 12.55
N ALA C 256 18.80 -4.13 11.51
CA ALA C 256 20.03 -3.40 11.16
C ALA C 256 20.19 -2.16 12.03
N ILE C 257 19.10 -1.53 12.46
CA ILE C 257 19.17 -0.28 13.28
C ILE C 257 19.41 -0.69 14.73
N SER C 258 18.83 -1.80 15.20
CA SER C 258 19.07 -2.30 16.56
C SER C 258 20.54 -2.76 16.64
N GLN C 259 20.98 -3.53 15.67
CA GLN C 259 22.37 -4.00 15.68
C GLN C 259 23.35 -2.85 15.67
N ALA C 260 23.16 -1.89 14.76
CA ALA C 260 24.09 -0.78 14.62
C ALA C 260 24.07 0.11 15.86
N MET C 261 22.92 0.18 16.55
CA MET C 261 22.80 1.06 17.71
C MET C 261 23.70 0.57 18.85
N PHE C 262 23.90 -0.76 18.96
CA PHE C 262 24.81 -1.29 19.97
C PHE C 262 26.17 -0.60 19.94
N PHE C 263 26.58 -0.09 18.79
CA PHE C 263 27.89 0.52 18.60
C PHE C 263 27.84 2.04 18.61
N ALA C 264 26.70 2.64 19.00
CA ALA C 264 26.60 4.08 19.12
C ALA C 264 27.15 4.53 20.48
N SER C 265 27.48 5.82 20.56
CA SER C 265 27.93 6.41 21.82
C SER C 265 28.16 7.91 21.70
#